data_3P6A
#
_entry.id   3P6A
#
_cell.length_a   110.823
_cell.length_b   110.823
_cell.length_c   98.565
_cell.angle_alpha   90.00
_cell.angle_beta   90.00
_cell.angle_gamma   120.00
#
_symmetry.space_group_name_H-M   'P 32'
#
_entity_poly.entity_id   1
_entity_poly.type   'polypeptide(L)'
_entity_poly.pdbx_seq_one_letter_code
;GIQTSPPGWEELVPPDTLHSLPKSQVKRQEVISELLVTEAAHVRMLRVLHDLFFQPMAECLFFPLEELQNIFPSLDELIE
VHSLFLDRLMKRRQESGYLIEEIGDVLLARFDGAEGSWFQKISSRFCSRQSFALEQLKAKQRKDPRFCAFVQEAESRPRC
RRLQLKDMIPTEMQRLTKYPLLLQSIGQNTEEPTEREKVELAAECCREILHHVNQAVRDMEDLLRLKDYQRRLDLSHLRQ
SSDPMLSEFKNLDITKKKLVHEGPLTWRVTKDKAVEVHVLLLDDLLLLLQRQDERLLLKSHSRTLTPTPDGKTMLRPVLR
LTSAMTREVATDHKAFYVLFTWDQEAQIYELVAQTVSERKNWCALITETAGSLKVPA
;
_entity_poly.pdbx_strand_id   A,B
#
# COMPACT_ATOMS: atom_id res chain seq x y z
N PRO A 22 9.06 -27.59 43.94
CA PRO A 22 10.29 -27.52 43.10
C PRO A 22 10.01 -27.96 41.61
N LYS A 23 10.72 -27.46 40.57
CA LYS A 23 11.77 -26.40 40.55
C LYS A 23 11.21 -25.20 39.77
N SER A 24 10.11 -25.52 39.08
CA SER A 24 9.18 -24.54 38.60
C SER A 24 9.01 -23.65 39.83
N GLN A 25 8.95 -24.28 41.03
CA GLN A 25 8.55 -23.61 42.26
C GLN A 25 9.68 -22.94 42.99
N VAL A 26 10.91 -23.45 42.91
CA VAL A 26 12.02 -22.69 43.48
C VAL A 26 12.17 -21.40 42.71
N LYS A 27 12.11 -21.53 41.38
CA LYS A 27 12.10 -20.35 40.52
C LYS A 27 10.92 -19.41 40.80
N ARG A 28 9.77 -19.96 41.19
CA ARG A 28 8.63 -19.12 41.51
C ARG A 28 8.93 -18.25 42.77
N GLN A 29 9.52 -18.88 43.77
CA GLN A 29 9.87 -18.19 45.00
C GLN A 29 11.01 -17.25 44.78
N GLU A 30 11.97 -17.62 43.94
CA GLU A 30 13.10 -16.73 43.69
C GLU A 30 12.62 -15.42 43.06
N VAL A 31 11.68 -15.52 42.12
CA VAL A 31 11.26 -14.33 41.44
C VAL A 31 10.31 -13.52 42.27
N ILE A 32 9.43 -14.16 43.02
CA ILE A 32 8.65 -13.39 44.00
C ILE A 32 9.55 -12.64 44.99
N SER A 33 10.59 -13.28 45.52
CA SER A 33 11.54 -12.52 46.32
C SER A 33 12.20 -11.34 45.58
N GLU A 34 12.58 -11.56 44.34
CA GLU A 34 13.28 -10.54 43.57
C GLU A 34 12.36 -9.34 43.39
N LEU A 35 11.09 -9.60 43.14
CA LEU A 35 10.14 -8.53 43.03
C LEU A 35 10.11 -7.67 44.33
N LEU A 36 10.06 -8.35 45.48
CA LEU A 36 10.05 -7.68 46.73
C LEU A 36 11.35 -6.92 46.91
N VAL A 37 12.45 -7.55 46.66
CA VAL A 37 13.66 -6.91 47.06
C VAL A 37 13.96 -5.72 46.16
N THR A 38 13.55 -5.78 44.90
CA THR A 38 13.80 -4.68 44.00
C THR A 38 12.75 -3.62 44.12
N GLU A 39 11.60 -3.96 44.66
CA GLU A 39 10.64 -2.93 44.85
C GLU A 39 11.12 -2.06 46.03
N ALA A 40 11.71 -2.70 47.04
CA ALA A 40 12.27 -2.01 48.15
C ALA A 40 13.40 -1.10 47.65
N ALA A 41 14.27 -1.63 46.80
CA ALA A 41 15.40 -0.83 46.30
C ALA A 41 14.88 0.39 45.59
N HIS A 42 13.83 0.18 44.81
CA HIS A 42 13.18 1.24 44.08
C HIS A 42 12.60 2.30 45.02
N VAL A 43 11.96 1.87 46.10
CA VAL A 43 11.45 2.82 47.05
C VAL A 43 12.58 3.64 47.67
N ARG A 44 13.68 2.98 47.98
CA ARG A 44 14.68 3.67 48.71
C ARG A 44 15.27 4.78 47.82
N MET A 45 15.45 4.52 46.52
CA MET A 45 16.05 5.47 45.61
C MET A 45 15.12 6.64 45.37
N LEU A 46 13.85 6.34 45.21
CA LEU A 46 12.91 7.41 45.05
C LEU A 46 12.97 8.35 46.27
N ARG A 47 13.08 7.77 47.48
CA ARG A 47 13.23 8.59 48.67
C ARG A 47 14.54 9.35 48.72
N VAL A 48 15.58 8.78 48.13
CA VAL A 48 16.87 9.44 48.09
C VAL A 48 16.73 10.61 47.13
N LEU A 49 16.06 10.39 46.01
CA LEU A 49 15.84 11.40 45.01
C LEU A 49 15.06 12.53 45.62
N HIS A 50 14.19 12.23 46.58
CA HIS A 50 13.37 13.27 47.21
C HIS A 50 14.12 14.05 48.29
N ASP A 51 14.80 13.32 49.17
CA ASP A 51 15.53 13.83 50.32
C ASP A 51 16.84 14.54 49.95
N LEU A 52 17.50 14.09 48.89
CA LEU A 52 18.84 14.60 48.56
C LEU A 52 18.84 15.61 47.43
N PHE A 53 17.80 15.58 46.59
CA PHE A 53 17.69 16.46 45.50
C PHE A 53 16.44 17.32 45.53
N PHE A 54 15.27 16.71 45.39
CA PHE A 54 14.03 17.46 45.36
C PHE A 54 13.78 18.39 46.56
N GLN A 55 13.79 17.84 47.75
CA GLN A 55 13.48 18.71 48.89
C GLN A 55 14.50 19.87 49.07
N PRO A 56 15.82 19.56 49.15
CA PRO A 56 16.82 20.63 49.29
C PRO A 56 16.81 21.62 48.09
N MET A 57 16.52 21.16 46.88
CA MET A 57 16.30 22.11 45.78
C MET A 57 15.15 23.07 46.02
N ALA A 58 14.06 22.58 46.56
CA ALA A 58 12.97 23.46 46.90
C ALA A 58 13.44 24.45 47.93
N GLU A 59 14.24 24.00 48.90
CA GLU A 59 14.59 24.90 49.96
C GLU A 59 15.62 25.91 49.52
N CYS A 60 16.47 25.52 48.59
CA CYS A 60 17.47 26.45 48.12
C CYS A 60 16.88 27.39 47.09
N LEU A 61 15.61 27.19 46.76
CA LEU A 61 15.01 27.68 45.52
C LEU A 61 15.86 27.91 44.25
N PHE A 62 16.50 26.83 43.79
CA PHE A 62 17.20 26.85 42.53
C PHE A 62 16.27 27.09 41.30
N PHE A 63 15.02 26.63 41.38
CA PHE A 63 13.96 26.84 40.37
C PHE A 63 12.75 27.37 41.11
N PRO A 64 11.90 28.13 40.43
CA PRO A 64 10.62 28.41 41.06
C PRO A 64 9.93 27.08 41.26
N LEU A 65 9.20 26.95 42.37
CA LEU A 65 8.56 25.71 42.74
C LEU A 65 7.70 25.04 41.61
N GLU A 66 6.96 25.88 40.85
CA GLU A 66 6.18 25.45 39.66
C GLU A 66 7.10 24.68 38.68
N GLU A 67 8.31 25.20 38.42
CA GLU A 67 9.26 24.53 37.55
C GLU A 67 9.80 23.25 38.19
N LEU A 68 10.01 23.31 39.46
CA LEU A 68 10.57 22.18 40.15
C LEU A 68 9.56 21.05 40.11
N GLN A 69 8.28 21.37 40.08
CA GLN A 69 7.30 20.34 40.10
C GLN A 69 7.15 19.66 38.74
N ASN A 70 7.52 20.39 37.69
CA ASN A 70 7.53 19.84 36.36
C ASN A 70 8.75 19.00 36.16
N ILE A 71 9.82 19.29 36.94
CA ILE A 71 11.00 18.40 36.86
C ILE A 71 10.78 17.09 37.62
N PHE A 72 10.10 17.12 38.78
CA PHE A 72 9.77 15.91 39.57
C PHE A 72 8.24 15.73 39.78
N PRO A 73 7.48 15.43 38.73
CA PRO A 73 6.01 15.63 38.72
C PRO A 73 5.21 15.13 39.91
N SER A 74 5.24 13.91 40.28
CA SER A 74 4.44 13.91 41.57
C SER A 74 5.19 12.99 42.47
N LEU A 75 6.40 13.42 42.77
CA LEU A 75 7.32 12.55 43.40
C LEU A 75 6.73 11.99 44.70
N ASP A 76 6.15 12.83 45.53
CA ASP A 76 5.58 12.37 46.81
C ASP A 76 4.62 11.21 46.65
N GLU A 77 3.72 11.37 45.70
CA GLU A 77 2.71 10.37 45.52
C GLU A 77 3.31 9.19 44.75
N LEU A 78 4.37 9.42 44.02
CA LEU A 78 5.05 8.32 43.37
C LEU A 78 5.69 7.41 44.40
N ILE A 79 6.33 7.98 45.40
CA ILE A 79 6.87 7.22 46.45
C ILE A 79 5.75 6.46 47.16
N GLU A 80 4.61 7.10 47.39
CA GLU A 80 3.53 6.45 48.10
C GLU A 80 2.96 5.22 47.41
N VAL A 81 2.84 5.22 46.08
CA VAL A 81 2.19 4.15 45.39
C VAL A 81 3.14 2.99 45.30
N HIS A 82 4.45 3.27 45.18
CA HIS A 82 5.42 2.16 45.28
C HIS A 82 5.54 1.67 46.74
N SER A 83 5.42 2.57 47.71
CA SER A 83 5.46 2.21 49.11
C SER A 83 4.34 1.26 49.57
N LEU A 84 3.13 1.59 49.16
CA LEU A 84 1.96 0.83 49.52
C LEU A 84 2.16 -0.59 48.89
N PHE A 85 2.69 -0.62 47.66
CA PHE A 85 2.98 -1.91 47.01
C PHE A 85 4.01 -2.73 47.84
N LEU A 86 5.09 -2.08 48.27
CA LEU A 86 6.09 -2.72 49.11
C LEU A 86 5.45 -3.23 50.34
N ASP A 87 4.71 -2.40 51.05
CA ASP A 87 4.13 -2.81 52.32
C ASP A 87 3.16 -4.00 52.11
N ARG A 88 2.41 -4.06 51.02
CA ARG A 88 1.52 -5.19 50.85
C ARG A 88 2.37 -6.43 50.61
N LEU A 89 3.36 -6.32 49.74
CA LEU A 89 4.26 -7.47 49.46
C LEU A 89 4.96 -7.99 50.73
N MET A 90 5.38 -7.07 51.58
CA MET A 90 5.99 -7.46 52.84
C MET A 90 5.01 -8.10 53.77
N LYS A 91 3.81 -7.53 53.85
CA LYS A 91 2.75 -8.07 54.69
C LYS A 91 2.48 -9.50 54.31
N ARG A 92 2.39 -9.76 53.02
CA ARG A 92 2.11 -11.14 52.55
C ARG A 92 3.31 -12.08 52.76
N ARG A 93 4.53 -11.58 52.60
CA ARG A 93 5.69 -12.41 52.81
C ARG A 93 5.82 -12.83 54.27
N GLN A 94 5.47 -11.94 55.17
CA GLN A 94 5.62 -12.25 56.59
C GLN A 94 4.58 -13.28 57.07
N GLU A 95 3.37 -13.17 56.55
CA GLU A 95 2.28 -13.98 57.00
C GLU A 95 2.14 -15.37 56.29
N SER A 96 3.06 -15.72 55.36
CA SER A 96 3.00 -17.05 54.72
C SER A 96 3.92 -18.15 55.31
N LEU A 99 7.28 -20.40 52.53
CA LEU A 99 7.12 -20.01 51.12
C LEU A 99 5.68 -19.49 50.82
N ILE A 100 5.49 -18.76 49.72
CA ILE A 100 4.21 -18.10 49.46
C ILE A 100 3.46 -18.54 48.24
N GLU A 101 2.26 -19.00 48.49
CA GLU A 101 1.31 -19.29 47.43
C GLU A 101 0.33 -18.16 47.56
N GLU A 102 -0.13 -17.67 46.42
CA GLU A 102 -0.96 -16.46 46.37
C GLU A 102 -0.15 -15.18 46.51
N ILE A 103 -0.03 -14.51 45.37
CA ILE A 103 0.60 -13.23 45.23
C ILE A 103 -0.27 -12.46 44.25
N GLY A 104 -1.05 -13.16 43.46
CA GLY A 104 -1.85 -12.53 42.41
C GLY A 104 -2.77 -11.45 42.97
N ASP A 105 -3.47 -11.79 44.05
CA ASP A 105 -4.44 -10.90 44.59
C ASP A 105 -3.70 -9.60 44.95
N VAL A 106 -2.44 -9.71 45.33
CA VAL A 106 -1.69 -8.57 45.78
C VAL A 106 -1.21 -7.74 44.61
N LEU A 107 -0.73 -8.43 43.57
CA LEU A 107 -0.45 -7.82 42.30
C LEU A 107 -1.65 -7.14 41.67
N LEU A 108 -2.79 -7.80 41.56
CA LEU A 108 -4.01 -7.08 41.08
C LEU A 108 -4.36 -5.83 41.94
N ALA A 109 -3.97 -5.84 43.21
CA ALA A 109 -4.44 -4.78 44.11
C ALA A 109 -3.62 -3.49 43.86
N ARG A 110 -2.47 -3.64 43.20
CA ARG A 110 -1.64 -2.55 42.87
C ARG A 110 -1.82 -2.17 41.39
N PHE A 111 -2.11 -3.13 40.51
CA PHE A 111 -2.07 -2.90 39.05
C PHE A 111 -3.41 -3.01 38.29
N ASP A 112 -4.49 -3.43 38.98
CA ASP A 112 -5.84 -3.53 38.37
C ASP A 112 -6.86 -2.60 39.08
N GLY A 113 -8.06 -2.43 38.47
CA GLY A 113 -9.10 -1.58 39.05
C GLY A 113 -8.64 -0.12 39.24
N ALA A 114 -9.27 0.53 40.21
CA ALA A 114 -9.00 1.91 40.53
C ALA A 114 -7.53 2.17 40.99
N GLU A 115 -6.97 1.30 41.84
CA GLU A 115 -5.57 1.38 42.14
C GLU A 115 -4.57 1.25 40.95
N GLY A 116 -4.81 0.30 40.06
CA GLY A 116 -4.13 0.16 38.80
C GLY A 116 -4.17 1.48 38.08
N SER A 117 -5.37 2.09 37.96
CA SER A 117 -5.50 3.35 37.24
C SER A 117 -4.70 4.48 37.87
N TRP A 118 -4.67 4.48 39.20
CA TRP A 118 -4.05 5.52 39.93
C TRP A 118 -2.52 5.35 39.81
N PHE A 119 -2.04 4.14 39.94
CA PHE A 119 -0.63 3.91 39.76
C PHE A 119 -0.19 4.36 38.35
N GLN A 120 -0.95 3.98 37.35
CA GLN A 120 -0.72 4.45 35.96
C GLN A 120 -0.71 6.01 35.87
N LYS A 121 -1.69 6.68 36.46
CA LYS A 121 -1.73 8.09 36.35
C LYS A 121 -0.46 8.71 36.98
N ILE A 122 0.01 8.18 38.10
CA ILE A 122 1.01 8.88 38.82
C ILE A 122 2.40 8.63 38.20
N SER A 123 2.70 7.35 37.97
CA SER A 123 3.89 6.99 37.24
C SER A 123 3.97 7.69 35.88
N SER A 124 2.85 7.79 35.20
CA SER A 124 2.89 8.37 33.87
C SER A 124 3.20 9.87 33.93
N ARG A 125 2.68 10.58 34.93
CA ARG A 125 2.97 11.97 35.11
C ARG A 125 4.49 12.12 35.30
N PHE A 126 5.07 11.31 36.16
CA PHE A 126 6.47 11.42 36.36
C PHE A 126 7.28 11.10 35.10
N CYS A 127 7.06 9.89 34.56
CA CYS A 127 7.88 9.39 33.45
C CYS A 127 7.86 10.31 32.20
N SER A 128 6.69 10.89 31.93
CA SER A 128 6.50 11.74 30.76
C SER A 128 7.45 12.92 30.73
N ARG A 129 7.88 13.36 31.92
CA ARG A 129 8.67 14.53 32.04
C ARG A 129 10.18 14.18 32.09
N GLN A 130 10.52 12.91 31.97
CA GLN A 130 11.90 12.49 32.10
C GLN A 130 12.89 13.29 31.29
N SER A 131 12.65 13.46 30.02
CA SER A 131 13.69 14.03 29.22
C SER A 131 13.72 15.57 29.35
N PHE A 132 12.57 16.12 29.71
CA PHE A 132 12.49 17.54 30.07
C PHE A 132 13.35 17.77 31.36
N ALA A 133 13.13 16.92 32.33
CA ALA A 133 13.79 17.03 33.61
C ALA A 133 15.32 16.96 33.40
N LEU A 134 15.75 15.99 32.60
CA LEU A 134 17.17 15.75 32.41
C LEU A 134 17.80 16.96 31.79
N GLU A 135 17.16 17.52 30.76
CA GLU A 135 17.69 18.72 30.13
C GLU A 135 17.67 19.96 31.02
N GLN A 136 16.62 20.13 31.81
CA GLN A 136 16.51 21.28 32.72
C GLN A 136 17.63 21.26 33.76
N LEU A 137 17.88 20.08 34.30
CA LEU A 137 18.95 19.90 35.26
C LEU A 137 20.31 20.10 34.67
N LYS A 138 20.49 19.57 33.47
CA LYS A 138 21.75 19.68 32.78
C LYS A 138 22.03 21.10 32.34
N ALA A 139 21.04 21.79 31.81
CA ALA A 139 21.22 23.20 31.48
C ALA A 139 21.54 24.01 32.77
N LYS A 140 20.85 23.78 33.88
CA LYS A 140 21.24 24.49 35.14
C LYS A 140 22.65 24.23 35.58
N GLN A 141 23.07 22.97 35.62
CA GLN A 141 24.45 22.66 35.96
C GLN A 141 25.51 23.36 35.11
N ARG A 142 25.22 23.62 33.84
CA ARG A 142 26.17 24.18 32.90
C ARG A 142 26.20 25.68 33.13
N LYS A 143 25.07 26.22 33.53
CA LYS A 143 24.85 27.67 33.48
C LYS A 143 25.15 28.27 34.86
N ASP A 144 24.74 27.55 35.92
CA ASP A 144 24.89 27.98 37.30
C ASP A 144 25.93 27.15 38.10
N PRO A 145 27.12 27.73 38.37
CA PRO A 145 28.16 27.04 39.17
C PRO A 145 27.67 26.64 40.56
N ARG A 146 26.74 27.42 41.11
CA ARG A 146 26.24 27.13 42.46
C ARG A 146 25.51 25.80 42.46
N PHE A 147 24.67 25.62 41.45
CA PHE A 147 23.84 24.47 41.32
C PHE A 147 24.66 23.27 40.85
N CYS A 148 25.63 23.52 39.99
CA CYS A 148 26.61 22.52 39.65
C CYS A 148 27.28 21.95 40.91
N ALA A 149 27.85 22.82 41.77
CA ALA A 149 28.47 22.35 43.02
C ALA A 149 27.45 21.67 43.92
N PHE A 150 26.19 22.09 43.83
CA PHE A 150 25.20 21.50 44.70
C PHE A 150 24.91 20.01 44.29
N VAL A 151 24.62 19.79 43.01
CA VAL A 151 24.46 18.45 42.49
C VAL A 151 25.73 17.56 42.77
N GLN A 152 26.92 18.05 42.47
CA GLN A 152 28.08 17.27 42.80
C GLN A 152 28.17 16.86 44.28
N GLU A 153 27.66 17.70 45.17
CA GLU A 153 27.84 17.41 46.55
C GLU A 153 26.84 16.34 46.97
N ALA A 154 25.63 16.45 46.44
CA ALA A 154 24.60 15.53 46.78
C ALA A 154 25.04 14.15 46.20
N GLU A 155 25.73 14.15 45.06
CA GLU A 155 26.04 12.90 44.43
C GLU A 155 27.19 12.21 45.10
N SER A 156 27.89 12.92 45.99
CA SER A 156 29.02 12.30 46.73
C SER A 156 28.55 11.55 47.97
N ARG A 157 27.26 11.59 48.27
CA ARG A 157 26.72 11.09 49.54
C ARG A 157 26.47 9.60 49.42
N PRO A 158 26.75 8.85 50.49
CA PRO A 158 26.55 7.43 50.53
C PRO A 158 25.16 6.98 50.11
N ARG A 159 24.12 7.71 50.47
CA ARG A 159 22.76 7.25 50.13
C ARG A 159 22.51 7.21 48.63
N CYS A 160 23.37 7.83 47.81
CA CYS A 160 23.19 7.79 46.35
C CYS A 160 23.57 6.42 45.80
N ARG A 161 24.32 5.66 46.60
CA ARG A 161 24.89 4.39 46.15
C ARG A 161 25.47 4.42 44.75
N ARG A 162 26.34 5.40 44.53
CA ARG A 162 27.10 5.65 43.29
C ARG A 162 26.28 6.01 42.06
N LEU A 163 24.98 6.20 42.24
CA LEU A 163 24.12 6.62 41.18
C LEU A 163 24.10 8.12 41.12
N GLN A 164 24.16 8.71 39.92
CA GLN A 164 24.04 10.16 39.77
C GLN A 164 22.58 10.57 39.59
N LEU A 165 22.32 11.87 39.71
CA LEU A 165 20.99 12.43 39.48
C LEU A 165 20.44 12.01 38.12
N LYS A 166 21.31 11.94 37.12
CA LYS A 166 20.87 11.57 35.82
C LYS A 166 20.55 10.06 35.77
N ASP A 167 21.10 9.27 36.67
CA ASP A 167 20.75 7.83 36.73
C ASP A 167 19.43 7.58 37.55
N MET A 168 19.13 8.42 38.52
CA MET A 168 17.97 8.13 39.34
C MET A 168 16.65 8.45 38.60
N ILE A 169 16.66 9.49 37.78
CA ILE A 169 15.42 9.90 37.13
C ILE A 169 14.81 8.85 36.22
N PRO A 170 15.59 8.34 35.26
CA PRO A 170 15.10 7.23 34.40
C PRO A 170 14.65 5.96 35.12
N THR A 171 14.91 5.86 36.39
CA THR A 171 14.68 4.63 37.14
C THR A 171 13.21 4.19 37.18
N GLU A 172 12.27 5.14 37.25
CA GLU A 172 10.86 4.82 37.23
C GLU A 172 10.42 4.10 35.90
N MET A 173 10.84 4.65 34.78
CA MET A 173 10.54 4.10 33.50
C MET A 173 11.24 2.75 33.48
N GLN A 174 12.46 2.61 33.98
CA GLN A 174 13.14 1.29 34.00
C GLN A 174 12.31 0.24 34.78
N ARG A 175 11.78 0.64 35.92
CA ARG A 175 11.00 -0.26 36.72
C ARG A 175 9.66 -0.69 36.02
N LEU A 176 9.03 0.23 35.30
CA LEU A 176 7.81 -0.14 34.59
C LEU A 176 8.14 -1.20 33.55
N THR A 177 9.32 -1.10 32.93
CA THR A 177 9.67 -2.10 31.98
C THR A 177 10.00 -3.43 32.60
N LYS A 178 10.32 -3.45 33.87
CA LYS A 178 10.68 -4.67 34.58
C LYS A 178 9.49 -5.45 35.06
N TYR A 179 8.39 -4.78 35.43
CA TYR A 179 7.20 -5.47 35.96
C TYR A 179 6.68 -6.62 35.09
N PRO A 180 6.52 -6.41 33.76
CA PRO A 180 6.07 -7.59 33.01
C PRO A 180 7.06 -8.76 33.08
N LEU A 181 8.35 -8.46 33.09
CA LEU A 181 9.36 -9.51 33.05
C LEU A 181 9.18 -10.36 34.27
N LEU A 182 8.98 -9.67 35.43
CA LEU A 182 8.89 -10.35 36.70
C LEU A 182 7.59 -11.09 36.82
N LEU A 183 6.48 -10.48 36.41
CA LEU A 183 5.18 -11.08 36.60
C LEU A 183 4.99 -12.25 35.66
N GLN A 184 5.59 -12.21 34.46
CA GLN A 184 5.55 -13.30 33.53
C GLN A 184 6.15 -14.53 34.13
N SER A 185 7.37 -14.41 34.66
CA SER A 185 8.08 -15.56 35.23
C SER A 185 7.30 -16.18 36.31
N ILE A 186 6.78 -15.37 37.18
CA ILE A 186 6.06 -15.89 38.31
C ILE A 186 4.89 -16.67 37.74
N GLY A 187 4.11 -15.98 36.91
CA GLY A 187 2.99 -16.56 36.19
C GLY A 187 3.25 -17.89 35.51
N GLN A 188 4.32 -17.99 34.70
CA GLN A 188 4.60 -19.23 33.97
C GLN A 188 5.22 -20.30 34.89
N ASN A 189 5.45 -19.95 36.16
CA ASN A 189 5.92 -20.93 37.15
C ASN A 189 4.91 -21.18 38.30
N THR A 190 3.67 -20.71 38.14
CA THR A 190 2.59 -20.99 39.07
C THR A 190 1.80 -22.22 38.68
N GLU A 191 1.75 -23.22 39.57
CA GLU A 191 1.06 -24.48 39.31
C GLU A 191 -0.43 -24.29 39.41
N GLU A 192 -0.89 -23.73 40.53
CA GLU A 192 -2.32 -23.78 40.70
C GLU A 192 -3.02 -22.77 39.74
N PRO A 193 -4.07 -23.26 39.04
CA PRO A 193 -4.64 -22.58 37.87
C PRO A 193 -5.29 -21.21 38.15
N THR A 194 -6.16 -21.09 39.16
CA THR A 194 -6.81 -19.79 39.50
C THR A 194 -5.81 -18.66 39.91
N GLU A 195 -4.82 -19.03 40.71
CA GLU A 195 -3.67 -18.16 41.01
C GLU A 195 -2.92 -17.72 39.75
N ARG A 196 -2.63 -18.64 38.85
CA ARG A 196 -1.87 -18.36 37.63
C ARG A 196 -2.63 -17.38 36.75
N GLU A 197 -3.93 -17.51 36.70
CA GLU A 197 -4.77 -16.55 35.99
C GLU A 197 -4.64 -15.16 36.60
N LYS A 198 -4.57 -15.09 37.94
CA LYS A 198 -4.44 -13.80 38.60
C LYS A 198 -3.12 -13.16 38.21
N VAL A 199 -2.09 -13.98 38.17
CA VAL A 199 -0.77 -13.45 37.96
C VAL A 199 -0.72 -12.99 36.52
N GLU A 200 -1.37 -13.74 35.64
CA GLU A 200 -1.23 -13.48 34.22
C GLU A 200 -2.02 -12.23 33.88
N LEU A 201 -3.12 -12.04 34.63
CA LEU A 201 -3.91 -10.84 34.49
C LEU A 201 -3.13 -9.60 34.97
N ALA A 202 -2.46 -9.74 36.12
CA ALA A 202 -1.59 -8.66 36.55
C ALA A 202 -0.43 -8.41 35.52
N ALA A 203 0.12 -9.45 34.91
CA ALA A 203 1.17 -9.19 33.91
C ALA A 203 0.61 -8.37 32.76
N GLU A 204 -0.58 -8.71 32.33
CA GLU A 204 -1.20 -8.02 31.27
C GLU A 204 -1.43 -6.56 31.73
N CYS A 205 -1.94 -6.36 32.94
CA CYS A 205 -2.13 -4.97 33.44
C CYS A 205 -0.85 -4.14 33.35
N CYS A 206 0.28 -4.76 33.66
CA CYS A 206 1.59 -4.08 33.63
C CYS A 206 2.00 -3.79 32.19
N ARG A 207 1.62 -4.67 31.25
CA ARG A 207 1.90 -4.36 29.87
C ARG A 207 1.09 -3.18 29.41
N GLU A 208 -0.21 -3.12 29.75
CA GLU A 208 -1.07 -2.00 29.34
C GLU A 208 -0.55 -0.67 29.94
N ILE A 209 -0.17 -0.73 31.21
CA ILE A 209 0.43 0.36 31.91
C ILE A 209 1.67 0.89 31.15
N LEU A 210 2.60 -0.01 30.83
CA LEU A 210 3.84 0.35 30.19
C LEU A 210 3.60 0.99 28.81
N HIS A 211 2.74 0.36 28.05
CA HIS A 211 2.27 0.92 26.86
C HIS A 211 1.61 2.34 27.03
N HIS A 212 0.74 2.52 28.02
CA HIS A 212 0.10 3.82 28.16
C HIS A 212 1.15 4.87 28.60
N VAL A 213 2.08 4.49 29.48
CA VAL A 213 3.17 5.36 29.84
C VAL A 213 4.09 5.69 28.64
N ASN A 214 4.53 4.68 27.91
CA ASN A 214 5.29 4.92 26.69
C ASN A 214 4.62 5.87 25.73
N GLN A 215 3.29 5.83 25.68
CA GLN A 215 2.55 6.73 24.76
C GLN A 215 2.49 8.14 25.35
N ALA A 216 2.24 8.24 26.66
CA ALA A 216 2.26 9.54 27.30
C ALA A 216 3.66 10.24 27.25
N VAL A 217 4.75 9.48 27.25
CA VAL A 217 6.12 10.01 27.18
C VAL A 217 6.35 10.65 25.81
N ARG A 218 5.98 9.93 24.76
CA ARG A 218 6.00 10.49 23.45
C ARG A 218 5.08 11.70 23.27
N ASP A 219 3.87 11.64 23.80
CA ASP A 219 2.95 12.77 23.72
C ASP A 219 3.57 13.99 24.40
N MET A 220 4.19 13.78 25.54
CA MET A 220 4.77 14.92 26.23
C MET A 220 6.01 15.43 25.49
N GLU A 221 6.87 14.53 25.06
CA GLU A 221 8.02 14.93 24.28
C GLU A 221 7.60 15.74 23.07
N ASP A 222 6.67 15.21 22.29
CA ASP A 222 6.15 15.91 21.11
C ASP A 222 5.43 17.19 21.46
N LEU A 223 4.67 17.18 22.55
CA LEU A 223 3.91 18.35 22.86
C LEU A 223 4.80 19.54 23.19
N LEU A 224 5.82 19.31 24.00
CA LEU A 224 6.70 20.42 24.44
C LEU A 224 7.49 20.97 23.25
N ARG A 225 7.86 20.07 22.36
CA ARG A 225 8.67 20.44 21.25
C ARG A 225 7.82 21.23 20.24
N LEU A 226 6.59 20.75 20.00
CA LEU A 226 5.69 21.44 19.08
C LEU A 226 5.14 22.71 19.62
N LYS A 227 5.02 22.81 20.93
CA LYS A 227 4.49 24.02 21.55
C LYS A 227 5.53 25.16 21.43
N ASP A 228 6.81 24.80 21.58
CA ASP A 228 7.90 25.76 21.30
C ASP A 228 7.98 26.16 19.78
N TYR A 229 7.80 25.20 18.89
CA TYR A 229 7.67 25.49 17.48
C TYR A 229 6.46 26.39 17.17
N GLN A 230 5.32 26.21 17.86
CA GLN A 230 4.19 27.14 17.71
C GLN A 230 4.59 28.57 18.09
N ARG A 231 5.28 28.73 19.23
CA ARG A 231 5.67 30.05 19.66
C ARG A 231 6.43 30.72 18.52
N ARG A 232 7.38 29.99 17.95
CA ARG A 232 8.33 30.56 16.98
C ARG A 232 7.75 30.76 15.56
N LEU A 233 6.68 30.02 15.26
CA LEU A 233 6.08 29.99 13.92
C LEU A 233 5.58 31.36 13.49
N ASP A 234 6.08 31.81 12.35
CA ASP A 234 5.63 33.04 11.72
C ASP A 234 4.63 32.77 10.58
N LEU A 235 3.38 33.21 10.77
CA LEU A 235 2.32 32.90 9.80
C LEU A 235 1.91 34.11 8.90
N SER A 236 2.67 35.21 9.00
CA SER A 236 2.31 36.43 8.33
C SER A 236 2.18 36.27 6.80
N HIS A 237 2.98 35.40 6.19
CA HIS A 237 2.88 35.15 4.75
C HIS A 237 1.66 34.34 4.32
N LEU A 238 1.24 33.35 5.12
CA LEU A 238 0.01 32.60 4.80
C LEU A 238 -1.24 33.45 4.97
N ARG A 239 -1.17 34.43 5.86
CA ARG A 239 -2.23 35.43 5.98
C ARG A 239 -2.27 36.42 4.80
N GLN A 240 -1.10 36.75 4.25
CA GLN A 240 -0.92 37.67 3.11
C GLN A 240 -1.28 37.00 1.79
N SER A 241 -1.11 35.69 1.74
CA SER A 241 -1.47 34.90 0.59
C SER A 241 -2.98 34.84 0.49
N SER A 242 -3.50 35.04 -0.71
CA SER A 242 -4.90 34.76 -0.96
C SER A 242 -4.93 33.60 -1.97
N ASP A 243 -3.85 32.85 -1.98
CA ASP A 243 -3.80 31.57 -2.67
C ASP A 243 -4.68 30.52 -1.95
N PRO A 244 -5.74 30.07 -2.65
CA PRO A 244 -6.82 29.22 -2.12
C PRO A 244 -6.34 28.01 -1.31
N MET A 245 -5.29 27.36 -1.80
CA MET A 245 -4.73 26.17 -1.16
C MET A 245 -4.12 26.41 0.24
N LEU A 246 -3.86 27.68 0.57
CA LEU A 246 -3.26 28.00 1.86
C LEU A 246 -4.23 28.73 2.78
N SER A 247 -5.53 28.69 2.48
CA SER A 247 -6.44 29.44 3.34
C SER A 247 -6.75 28.71 4.65
N GLU A 248 -6.62 27.38 4.67
CA GLU A 248 -6.86 26.58 5.90
C GLU A 248 -5.78 26.75 6.96
N PHE A 249 -4.57 27.02 6.51
CA PHE A 249 -3.44 27.02 7.45
C PHE A 249 -3.22 28.42 7.97
N LYS A 250 -4.33 29.00 8.44
CA LYS A 250 -4.49 30.43 8.61
C LYS A 250 -3.69 31.15 9.72
N ASN A 251 -3.83 30.91 11.04
CA ASN A 251 -4.65 29.95 11.81
C ASN A 251 -4.14 28.52 12.13
N LEU A 252 -3.07 28.13 11.47
CA LEU A 252 -2.46 26.82 11.74
C LEU A 252 -2.01 26.65 13.20
N ASP A 253 -2.28 25.46 13.74
CA ASP A 253 -1.91 25.10 15.12
C ASP A 253 -1.43 23.65 15.21
N ILE A 254 -0.12 23.51 15.26
CA ILE A 254 0.54 22.19 15.19
C ILE A 254 0.69 21.57 16.58
N THR A 255 0.38 22.38 17.59
CA THR A 255 0.46 22.00 19.00
C THR A 255 0.04 20.56 19.32
N LYS A 256 -1.10 20.11 18.83
CA LYS A 256 -1.64 18.82 19.25
C LYS A 256 -1.42 17.69 18.23
N LYS A 257 -0.52 17.94 17.28
CA LYS A 257 -0.29 17.02 16.24
C LYS A 257 0.83 16.06 16.65
N LYS A 258 1.05 15.00 15.87
CA LYS A 258 2.10 14.02 16.17
C LYS A 258 3.34 14.31 15.36
N LEU A 259 4.45 14.51 16.03
CA LEU A 259 5.64 14.81 15.34
C LEU A 259 6.32 13.51 14.98
N VAL A 260 6.30 13.14 13.69
CA VAL A 260 6.84 11.87 13.28
C VAL A 260 8.35 11.95 13.14
N HIS A 261 8.82 13.02 12.55
CA HIS A 261 10.26 13.16 12.33
C HIS A 261 10.57 14.61 11.95
N GLU A 262 11.82 15.03 12.11
CA GLU A 262 12.18 16.42 11.82
C GLU A 262 13.66 16.53 11.50
N GLY A 263 14.06 17.62 10.84
CA GLY A 263 15.45 17.77 10.53
C GLY A 263 15.76 18.77 9.43
N PRO A 264 17.02 19.21 9.35
CA PRO A 264 17.35 20.18 8.31
C PRO A 264 17.53 19.48 6.98
N LEU A 265 17.07 20.15 5.92
CA LEU A 265 17.30 19.72 4.57
C LEU A 265 17.53 20.93 3.72
N THR A 266 18.25 20.74 2.63
CA THR A 266 18.31 21.78 1.71
C THR A 266 17.27 21.61 0.59
N TRP A 267 16.52 22.67 0.30
CA TRP A 267 15.38 22.65 -0.60
C TRP A 267 15.72 23.38 -1.90
N ARG A 268 15.79 22.63 -3.00
CA ARG A 268 16.17 23.21 -4.27
C ARG A 268 14.92 23.67 -4.99
N VAL A 269 14.53 24.92 -4.80
CA VAL A 269 13.34 25.37 -5.53
C VAL A 269 13.60 25.27 -7.03
N THR A 270 14.80 25.67 -7.47
CA THR A 270 15.28 25.33 -8.79
C THR A 270 16.72 24.75 -8.75
N LYS A 271 17.26 24.45 -9.94
CA LYS A 271 18.67 24.13 -10.05
C LYS A 271 19.50 25.33 -9.56
N ASP A 272 18.92 26.53 -9.70
CA ASP A 272 19.63 27.81 -9.47
C ASP A 272 19.35 28.55 -8.16
N LYS A 273 18.39 28.03 -7.39
CA LYS A 273 17.98 28.58 -6.11
C LYS A 273 17.85 27.50 -5.04
N ALA A 274 18.76 27.53 -4.07
CA ALA A 274 18.69 26.62 -2.91
C ALA A 274 18.21 27.36 -1.67
N VAL A 275 17.38 26.71 -0.88
CA VAL A 275 16.82 27.27 0.35
C VAL A 275 17.05 26.33 1.54
N GLU A 276 17.73 26.82 2.59
CA GLU A 276 17.89 26.03 3.80
C GLU A 276 16.56 26.05 4.49
N VAL A 277 16.13 24.86 4.90
CA VAL A 277 14.79 24.69 5.46
C VAL A 277 14.84 23.69 6.61
N HIS A 278 13.98 23.85 7.62
CA HIS A 278 13.87 22.81 8.69
C HIS A 278 12.52 22.17 8.56
N VAL A 279 12.46 20.87 8.33
CA VAL A 279 11.21 20.27 7.94
C VAL A 279 10.64 19.40 9.02
N LEU A 280 9.33 19.54 9.19
CA LEU A 280 8.57 18.79 10.16
C LEU A 280 7.68 17.82 9.44
N LEU A 281 7.83 16.54 9.74
CA LEU A 281 6.91 15.58 9.21
C LEU A 281 5.94 15.26 10.31
N LEU A 282 4.75 15.82 10.20
CA LEU A 282 3.73 15.50 11.18
C LEU A 282 2.92 14.30 10.65
N ASP A 283 1.85 13.88 11.31
CA ASP A 283 1.10 12.69 10.93
C ASP A 283 0.29 12.87 9.68
N ASP A 284 -0.03 14.12 9.32
CA ASP A 284 -0.76 14.41 8.08
C ASP A 284 -0.35 15.70 7.35
N LEU A 285 0.73 16.34 7.77
CA LEU A 285 1.27 17.50 7.05
C LEU A 285 2.77 17.44 6.95
N LEU A 286 3.30 18.06 5.91
CA LEU A 286 4.72 18.29 5.79
C LEU A 286 4.84 19.75 5.80
N LEU A 287 5.73 20.23 6.67
CA LEU A 287 5.97 21.65 6.89
C LEU A 287 7.40 21.99 6.50
N LEU A 288 7.56 22.91 5.55
CA LEU A 288 8.89 23.36 5.13
C LEU A 288 9.13 24.74 5.75
N LEU A 289 9.83 24.76 6.89
CA LEU A 289 10.06 25.98 7.67
C LEU A 289 11.40 26.65 7.38
N GLN A 290 11.37 27.97 7.27
CA GLN A 290 12.58 28.83 7.11
C GLN A 290 13.04 29.30 8.47
N ARG A 291 14.32 29.13 8.76
CA ARG A 291 14.89 29.58 10.02
C ARG A 291 15.27 31.07 9.83
N GLN A 292 14.65 31.99 10.56
CA GLN A 292 15.11 33.37 10.60
C GLN A 292 15.25 33.78 12.07
N ASP A 293 16.53 33.82 12.48
CA ASP A 293 16.89 33.87 13.87
C ASP A 293 16.03 32.86 14.58
N GLU A 294 15.31 33.32 15.59
CA GLU A 294 14.52 32.42 16.43
C GLU A 294 13.24 32.04 15.76
N ARG A 295 12.88 32.71 14.69
CA ARG A 295 11.54 32.49 14.18
C ARG A 295 11.51 31.38 13.12
N LEU A 296 10.35 30.79 12.90
CA LEU A 296 10.19 29.78 11.87
C LEU A 296 9.12 30.21 10.87
N LEU A 297 9.53 30.41 9.63
CA LEU A 297 8.64 31.02 8.65
C LEU A 297 8.05 30.05 7.68
N LEU A 298 6.79 30.23 7.36
CA LEU A 298 6.24 29.47 6.25
C LEU A 298 6.09 30.36 5.04
N LYS A 299 7.10 30.30 4.18
CA LYS A 299 7.17 31.11 3.00
C LYS A 299 6.77 30.32 1.80
N SER A 300 5.71 30.79 1.15
CA SER A 300 5.26 30.22 -0.12
C SER A 300 6.34 30.41 -1.22
N HIS A 301 7.30 31.29 -0.97
CA HIS A 301 8.32 31.63 -1.95
C HIS A 301 8.74 30.56 -2.96
N SER A 302 8.54 30.89 -4.24
CA SER A 302 8.71 29.94 -5.30
C SER A 302 8.93 30.54 -6.72
N ARG A 303 10.20 30.58 -7.13
CA ARG A 303 10.55 31.12 -8.42
C ARG A 303 9.88 32.52 -8.60
N THR A 313 4.53 32.69 -4.38
CA THR A 313 3.59 32.07 -5.32
C THR A 313 3.47 30.51 -5.27
N MET A 314 3.98 29.85 -6.30
CA MET A 314 3.48 28.53 -6.67
C MET A 314 3.94 27.25 -5.88
N LEU A 315 5.13 27.23 -5.25
CA LEU A 315 5.51 26.14 -4.29
C LEU A 315 5.23 26.50 -2.84
N ARG A 316 4.39 25.72 -2.18
CA ARG A 316 3.89 26.08 -0.89
C ARG A 316 4.74 25.39 0.12
N PRO A 317 4.86 25.97 1.34
CA PRO A 317 5.65 25.40 2.45
C PRO A 317 4.86 24.44 3.37
N VAL A 318 3.54 24.46 3.35
CA VAL A 318 2.77 23.50 4.13
C VAL A 318 1.98 22.60 3.17
N LEU A 319 2.12 21.27 3.33
CA LEU A 319 1.60 20.31 2.32
C LEU A 319 0.89 19.16 3.00
N ARG A 320 -0.32 18.85 2.56
CA ARG A 320 -1.09 17.71 3.07
C ARG A 320 -0.49 16.39 2.62
N LEU A 321 -0.36 15.44 3.56
CA LEU A 321 0.43 14.26 3.26
C LEU A 321 -0.34 13.20 2.53
N THR A 322 -1.67 13.31 2.46
CA THR A 322 -2.50 12.19 2.01
C THR A 322 -2.04 11.65 0.67
N SER A 323 -1.35 12.46 -0.09
CA SER A 323 -1.20 12.15 -1.49
C SER A 323 0.29 11.99 -1.81
N ALA A 324 1.13 12.03 -0.79
CA ALA A 324 2.55 12.18 -1.01
C ALA A 324 3.24 10.93 -1.57
N MET A 325 4.29 11.15 -2.34
CA MET A 325 5.05 10.06 -2.89
C MET A 325 6.47 10.58 -3.01
N THR A 326 7.45 9.78 -2.60
CA THR A 326 8.85 10.16 -2.73
C THR A 326 9.51 9.44 -3.91
N ARG A 327 10.58 10.01 -4.44
CA ARG A 327 11.37 9.38 -5.50
C ARG A 327 12.86 9.75 -5.39
N GLU A 328 13.71 8.79 -5.72
CA GLU A 328 15.14 9.02 -5.84
C GLU A 328 15.51 9.94 -6.97
N VAL A 329 16.63 10.63 -6.85
CA VAL A 329 17.17 11.46 -7.92
C VAL A 329 18.49 10.80 -8.33
N ALA A 330 18.53 10.27 -9.53
CA ALA A 330 19.71 9.54 -9.96
C ALA A 330 21.01 10.39 -9.98
N THR A 331 20.90 11.67 -10.27
CA THR A 331 22.11 12.49 -10.46
C THR A 331 22.69 12.89 -9.09
N ASP A 332 21.99 12.51 -8.03
CA ASP A 332 22.32 12.96 -6.68
C ASP A 332 21.70 12.03 -5.61
N HIS A 333 22.52 11.10 -5.09
CA HIS A 333 22.05 10.12 -4.14
C HIS A 333 21.68 10.73 -2.78
N LYS A 334 21.95 12.02 -2.59
CA LYS A 334 21.56 12.66 -1.34
C LYS A 334 20.22 13.33 -1.49
N ALA A 335 19.76 13.47 -2.75
CA ALA A 335 18.50 14.21 -3.00
C ALA A 335 17.30 13.28 -3.08
N PHE A 336 16.11 13.84 -2.87
CA PHE A 336 14.87 13.16 -3.26
C PHE A 336 13.83 14.16 -3.72
N TYR A 337 12.80 13.67 -4.41
CA TYR A 337 11.65 14.46 -4.81
C TYR A 337 10.46 13.99 -4.00
N VAL A 338 9.53 14.91 -3.72
CA VAL A 338 8.23 14.66 -3.11
C VAL A 338 7.20 15.32 -3.99
N LEU A 339 6.16 14.59 -4.34
CA LEU A 339 5.15 15.05 -5.31
C LEU A 339 3.88 14.69 -4.66
N PHE A 340 2.89 15.49 -4.94
CA PHE A 340 1.60 15.24 -4.36
C PHE A 340 0.63 14.99 -5.46
N THR A 341 0.15 13.75 -5.48
CA THR A 341 -0.80 13.25 -6.47
C THR A 341 -2.06 14.10 -6.54
N TRP A 342 -2.30 14.86 -5.48
CA TRP A 342 -3.49 15.71 -5.41
C TRP A 342 -3.28 17.14 -5.95
N ASP A 343 -2.02 17.47 -6.21
CA ASP A 343 -1.60 18.77 -6.67
C ASP A 343 -1.81 18.86 -8.15
N GLN A 344 -2.96 19.38 -8.55
CA GLN A 344 -3.31 19.49 -9.95
C GLN A 344 -2.22 20.15 -10.78
N GLU A 345 -1.24 20.77 -10.12
CA GLU A 345 -0.13 21.49 -10.77
C GLU A 345 1.23 20.76 -10.80
N ALA A 346 1.48 19.94 -9.77
CA ALA A 346 2.51 18.91 -9.79
C ALA A 346 3.90 19.35 -10.18
N GLN A 347 4.71 20.11 -9.42
CA GLN A 347 4.73 20.57 -8.04
C GLN A 347 5.62 19.60 -7.38
N ILE A 348 6.88 19.74 -7.76
CA ILE A 348 7.94 18.89 -7.28
C ILE A 348 8.82 19.56 -6.24
N TYR A 349 8.87 18.99 -5.03
CA TYR A 349 9.81 19.38 -4.00
C TYR A 349 11.11 18.55 -4.00
N GLU A 350 12.16 19.11 -4.57
CA GLU A 350 13.46 18.50 -4.52
C GLU A 350 14.14 18.90 -3.22
N LEU A 351 14.30 17.93 -2.32
CA LEU A 351 14.97 18.11 -1.01
C LEU A 351 16.22 17.28 -0.93
N VAL A 352 17.24 17.80 -0.27
CA VAL A 352 18.52 17.11 -0.15
C VAL A 352 19.08 17.05 1.27
N ALA A 353 19.54 15.88 1.67
CA ALA A 353 20.08 15.61 2.97
C ALA A 353 21.61 15.60 2.91
N GLN A 354 22.25 15.42 4.09
CA GLN A 354 23.71 15.42 4.17
C GLN A 354 24.37 14.06 3.91
N THR A 355 23.58 12.99 4.02
CA THR A 355 24.08 11.63 3.77
C THR A 355 23.00 10.88 3.05
N VAL A 356 23.41 9.80 2.37
CA VAL A 356 22.52 8.90 1.65
C VAL A 356 21.53 8.24 2.60
N SER A 357 22.03 7.75 3.73
CA SER A 357 21.19 7.12 4.75
C SER A 357 20.06 8.04 5.15
N GLU A 358 20.40 9.30 5.31
CA GLU A 358 19.50 10.25 5.84
C GLU A 358 18.40 10.59 4.82
N ARG A 359 18.75 10.67 3.55
CA ARG A 359 17.71 10.77 2.54
C ARG A 359 16.86 9.50 2.50
N LYS A 360 17.52 8.35 2.65
CA LYS A 360 16.86 7.07 2.59
C LYS A 360 15.77 7.03 3.68
N ASN A 361 16.20 7.38 4.88
CA ASN A 361 15.34 7.54 6.03
C ASN A 361 14.19 8.55 5.83
N TRP A 362 14.46 9.73 5.27
CA TRP A 362 13.35 10.66 4.97
C TRP A 362 12.29 10.04 4.02
N CYS A 363 12.76 9.40 2.96
CA CYS A 363 11.83 8.78 2.01
C CYS A 363 11.04 7.68 2.74
N ALA A 364 11.71 6.85 3.53
CA ALA A 364 11.03 5.77 4.15
C ALA A 364 9.92 6.35 5.05
N LEU A 365 10.31 7.31 5.92
CA LEU A 365 9.37 7.92 6.85
C LEU A 365 8.20 8.64 6.20
N ILE A 366 8.47 9.46 5.17
CA ILE A 366 7.41 10.11 4.45
C ILE A 366 6.39 9.12 3.87
N THR A 367 6.90 8.13 3.14
CA THR A 367 6.08 7.12 2.45
C THR A 367 5.19 6.39 3.46
N GLU A 368 5.80 6.00 4.57
CA GLU A 368 5.11 5.18 5.54
C GLU A 368 4.01 5.96 6.28
N THR A 369 4.29 7.25 6.53
CA THR A 369 3.31 8.14 7.13
C THR A 369 2.13 8.39 6.19
N ALA A 370 2.43 8.67 4.94
CA ALA A 370 1.43 8.91 3.94
C ALA A 370 0.61 7.64 3.70
N GLY A 371 1.28 6.50 3.84
CA GLY A 371 0.63 5.22 3.58
C GLY A 371 -0.47 4.88 4.55
N SER A 372 -0.42 5.48 5.73
CA SER A 372 -1.39 5.27 6.78
C SER A 372 -2.68 6.05 6.58
N LEU A 373 -2.62 7.12 5.76
CA LEU A 373 -3.75 8.03 5.61
C LEU A 373 -4.84 7.46 4.74
N LYS A 374 -6.07 7.38 5.28
CA LYS A 374 -7.23 6.92 4.53
C LYS A 374 -7.62 7.97 3.48
N VAL A 375 -8.29 7.54 2.44
CA VAL A 375 -8.72 8.45 1.40
C VAL A 375 -10.25 8.56 1.33
N PRO A 376 -10.77 9.79 1.24
CA PRO A 376 -12.23 9.97 0.95
C PRO A 376 -12.60 9.46 -0.45
N PRO B 22 -2.13 32.45 -22.26
CA PRO B 22 -2.86 32.05 -23.48
C PRO B 22 -3.57 30.69 -23.35
N LYS B 23 -4.85 30.64 -23.73
CA LYS B 23 -5.80 29.54 -23.33
C LYS B 23 -5.41 28.08 -23.71
N SER B 24 -4.92 27.94 -24.94
CA SER B 24 -4.48 26.66 -25.44
C SER B 24 -3.22 26.32 -24.64
N GLN B 25 -2.48 27.35 -24.20
CA GLN B 25 -1.22 27.13 -23.45
C GLN B 25 -1.45 26.77 -21.99
N VAL B 26 -2.50 27.30 -21.35
CA VAL B 26 -2.86 26.77 -20.03
C VAL B 26 -3.42 25.34 -20.04
N LYS B 27 -4.26 25.02 -21.03
CA LYS B 27 -4.66 23.60 -21.23
C LYS B 27 -3.49 22.70 -21.51
N ARG B 28 -2.47 23.23 -22.20
CA ARG B 28 -1.29 22.43 -22.46
C ARG B 28 -0.56 22.03 -21.11
N GLN B 29 -0.39 22.98 -20.21
CA GLN B 29 0.31 22.73 -18.99
C GLN B 29 -0.52 21.87 -18.05
N GLU B 30 -1.82 22.15 -17.96
CA GLU B 30 -2.71 21.34 -17.15
C GLU B 30 -2.62 19.86 -17.53
N VAL B 31 -2.68 19.59 -18.84
CA VAL B 31 -2.66 18.22 -19.28
C VAL B 31 -1.30 17.61 -19.09
N ILE B 32 -0.25 18.39 -19.27
CA ILE B 32 1.07 17.84 -18.95
C ILE B 32 1.17 17.49 -17.47
N SER B 33 0.63 18.35 -16.59
CA SER B 33 0.53 18.00 -15.19
C SER B 33 -0.31 16.76 -14.86
N GLU B 34 -1.42 16.62 -15.55
CA GLU B 34 -2.32 15.53 -15.30
C GLU B 34 -1.63 14.24 -15.71
N LEU B 35 -0.89 14.28 -16.81
CA LEU B 35 -0.10 13.09 -17.19
C LEU B 35 0.87 12.65 -16.04
N LEU B 36 1.53 13.63 -15.43
CA LEU B 36 2.53 13.36 -14.43
C LEU B 36 1.83 12.84 -13.18
N VAL B 37 0.85 13.57 -12.74
CA VAL B 37 0.13 13.14 -11.58
C VAL B 37 -0.52 11.79 -11.72
N THR B 38 -1.01 11.45 -12.90
CA THR B 38 -1.70 10.20 -13.03
C THR B 38 -0.73 9.09 -13.24
N GLU B 39 0.49 9.43 -13.64
CA GLU B 39 1.48 8.42 -13.85
C GLU B 39 2.01 7.97 -12.47
N ALA B 40 2.20 8.95 -11.57
CA ALA B 40 2.54 8.72 -10.21
C ALA B 40 1.47 7.84 -9.58
N ALA B 41 0.20 8.23 -9.73
CA ALA B 41 -0.90 7.45 -9.14
C ALA B 41 -0.83 5.99 -9.57
N HIS B 42 -0.53 5.82 -10.85
CA HIS B 42 -0.50 4.50 -11.44
C HIS B 42 0.71 3.70 -10.90
N VAL B 43 1.85 4.35 -10.70
CA VAL B 43 2.98 3.70 -10.11
C VAL B 43 2.68 3.29 -8.68
N ARG B 44 2.08 4.17 -7.93
CA ARG B 44 1.82 3.84 -6.56
C ARG B 44 0.90 2.61 -6.45
N MET B 45 -0.09 2.54 -7.33
CA MET B 45 -1.10 1.52 -7.27
C MET B 45 -0.49 0.18 -7.70
N LEU B 46 0.33 0.22 -8.73
CA LEU B 46 1.06 -0.94 -9.08
C LEU B 46 1.95 -1.44 -7.92
N ARG B 47 2.56 -0.54 -7.12
CA ARG B 47 3.40 -1.04 -6.04
C ARG B 47 2.49 -1.63 -4.97
N VAL B 48 1.30 -1.07 -4.81
CA VAL B 48 0.37 -1.60 -3.84
C VAL B 48 -0.02 -3.02 -4.26
N LEU B 49 -0.28 -3.20 -5.55
CA LEU B 49 -0.64 -4.48 -6.08
C LEU B 49 0.50 -5.46 -5.80
N HIS B 50 1.76 -4.99 -5.84
CA HIS B 50 2.89 -5.89 -5.61
C HIS B 50 3.11 -6.16 -4.12
N ASP B 51 3.01 -5.12 -3.30
CA ASP B 51 3.36 -5.19 -1.87
C ASP B 51 2.30 -5.85 -1.03
N LEU B 52 1.04 -5.72 -1.42
CA LEU B 52 -0.08 -6.16 -0.61
C LEU B 52 -0.73 -7.42 -1.12
N PHE B 53 -0.51 -7.77 -2.39
CA PHE B 53 -1.07 -8.98 -2.96
C PHE B 53 -0.02 -9.93 -3.50
N PHE B 54 0.68 -9.53 -4.55
CA PHE B 54 1.67 -10.36 -5.16
C PHE B 54 2.74 -10.88 -4.22
N GLN B 55 3.50 -10.00 -3.60
CA GLN B 55 4.58 -10.51 -2.73
C GLN B 55 4.07 -11.41 -1.59
N PRO B 56 3.07 -10.94 -0.79
CA PRO B 56 2.59 -11.81 0.30
C PRO B 56 1.95 -13.12 -0.20
N MET B 57 1.31 -13.12 -1.36
CA MET B 57 0.84 -14.39 -1.93
C MET B 57 1.98 -15.35 -2.26
N ALA B 58 3.09 -14.83 -2.71
CA ALA B 58 4.22 -15.68 -2.97
C ALA B 58 4.64 -16.30 -1.69
N GLU B 59 4.69 -15.49 -0.62
CA GLU B 59 5.19 -15.94 0.64
C GLU B 59 4.27 -16.89 1.35
N CYS B 60 2.97 -16.68 1.18
CA CYS B 60 1.97 -17.58 1.74
C CYS B 60 1.79 -18.86 0.95
N LEU B 61 2.42 -18.94 -0.23
CA LEU B 61 2.25 -20.10 -1.14
C LEU B 61 0.78 -20.42 -1.56
N PHE B 62 -0.06 -19.41 -1.69
CA PHE B 62 -1.41 -19.63 -2.15
C PHE B 62 -1.53 -20.36 -3.55
N PHE B 63 -0.66 -20.00 -4.48
CA PHE B 63 -0.48 -20.69 -5.76
C PHE B 63 1.01 -21.07 -5.87
N PRO B 64 1.34 -22.08 -6.67
CA PRO B 64 2.74 -22.33 -7.01
C PRO B 64 3.24 -21.10 -7.73
N LEU B 65 4.53 -20.79 -7.61
CA LEU B 65 5.09 -19.57 -8.19
C LEU B 65 4.80 -19.36 -9.72
N GLU B 66 5.05 -20.40 -10.54
CA GLU B 66 4.76 -20.39 -11.97
C GLU B 66 3.33 -19.96 -12.22
N GLU B 67 2.38 -20.41 -11.39
CA GLU B 67 0.99 -20.04 -11.60
C GLU B 67 0.77 -18.58 -11.23
N LEU B 68 1.41 -18.17 -10.17
CA LEU B 68 1.30 -16.84 -9.69
C LEU B 68 1.95 -15.89 -10.69
N GLN B 69 2.97 -16.37 -11.38
CA GLN B 69 3.64 -15.47 -12.31
C GLN B 69 2.82 -15.24 -13.56
N ASN B 70 1.96 -16.17 -13.92
CA ASN B 70 1.16 -15.75 -14.99
C ASN B 70 -0.21 -15.23 -14.57
N ILE B 71 -0.45 -15.14 -13.24
CA ILE B 71 -1.49 -14.25 -12.74
C ILE B 71 -1.03 -12.78 -12.78
N PHE B 72 0.24 -12.51 -12.44
CA PHE B 72 0.83 -11.18 -12.43
C PHE B 72 2.08 -11.12 -13.31
N PRO B 73 1.90 -11.23 -14.63
CA PRO B 73 2.96 -11.57 -15.57
C PRO B 73 4.34 -10.92 -15.45
N SER B 74 4.48 -9.63 -15.42
CA SER B 74 5.91 -9.34 -15.05
C SER B 74 5.83 -8.10 -14.22
N LEU B 75 5.22 -8.24 -13.05
CA LEU B 75 4.78 -7.09 -12.36
C LEU B 75 6.03 -6.22 -12.06
N ASP B 76 7.10 -6.85 -11.65
CA ASP B 76 8.30 -6.11 -11.27
C ASP B 76 8.80 -5.14 -12.31
N GLU B 77 8.91 -5.66 -13.52
CA GLU B 77 9.32 -4.88 -14.63
C GLU B 77 8.22 -3.94 -15.12
N LEU B 78 6.98 -4.31 -14.93
CA LEU B 78 5.91 -3.38 -15.22
C LEU B 78 6.02 -2.15 -14.33
N ILE B 79 6.33 -2.34 -13.07
CA ILE B 79 6.50 -1.24 -12.19
C ILE B 79 7.69 -0.40 -12.68
N GLU B 80 8.74 -1.05 -13.11
CA GLU B 80 9.94 -0.34 -13.55
C GLU B 80 9.78 0.55 -14.74
N VAL B 81 8.93 0.17 -15.70
CA VAL B 81 8.87 0.86 -16.93
C VAL B 81 7.98 2.05 -16.72
N HIS B 82 6.93 1.91 -15.90
CA HIS B 82 6.13 3.11 -15.54
C HIS B 82 6.95 4.04 -14.59
N SER B 83 7.82 3.48 -13.78
CA SER B 83 8.64 4.26 -12.85
C SER B 83 9.69 5.13 -13.55
N LEU B 84 10.33 4.51 -14.56
CA LEU B 84 11.35 5.15 -15.33
C LEU B 84 10.68 6.29 -16.06
N PHE B 85 9.47 6.06 -16.53
CA PHE B 85 8.67 7.11 -17.18
C PHE B 85 8.35 8.24 -16.19
N LEU B 86 7.86 7.90 -14.98
CA LEU B 86 7.63 8.89 -13.91
C LEU B 86 8.86 9.69 -13.65
N ASP B 87 10.00 9.02 -13.49
CA ASP B 87 11.25 9.72 -13.10
C ASP B 87 11.71 10.66 -14.24
N ARG B 88 11.55 10.28 -15.49
CA ARG B 88 11.91 11.22 -16.57
C ARG B 88 10.97 12.41 -16.56
N LEU B 89 9.67 12.14 -16.42
CA LEU B 89 8.68 13.23 -16.30
C LEU B 89 8.95 14.21 -15.13
N MET B 90 9.34 13.68 -13.98
CA MET B 90 9.65 14.59 -12.85
C MET B 90 10.94 15.33 -13.03
N LYS B 91 11.92 14.68 -13.65
CA LYS B 91 13.19 15.31 -13.93
C LYS B 91 12.97 16.50 -14.81
N ARG B 92 12.13 16.33 -15.81
CA ARG B 92 11.87 17.42 -16.76
C ARG B 92 11.01 18.51 -16.10
N ARG B 93 10.09 18.13 -15.23
CA ARG B 93 9.27 19.12 -14.57
C ARG B 93 10.07 19.99 -13.60
N GLN B 94 11.00 19.39 -12.88
CA GLN B 94 11.80 20.16 -11.92
C GLN B 94 12.75 21.15 -12.66
N GLU B 95 13.28 20.72 -13.79
CA GLU B 95 14.30 21.49 -14.44
C GLU B 95 13.70 22.67 -15.28
N SER B 96 12.38 22.74 -15.39
CA SER B 96 11.75 23.95 -15.94
C SER B 96 10.50 24.42 -15.16
N LEU B 99 6.36 26.80 -16.27
CA LEU B 99 5.79 26.12 -17.43
C LEU B 99 6.83 25.27 -18.17
N ILE B 100 6.37 24.20 -18.82
CA ILE B 100 7.29 23.13 -19.28
C ILE B 100 7.92 23.38 -20.62
N GLU B 101 7.21 23.19 -21.73
CA GLU B 101 7.86 23.53 -23.03
C GLU B 101 8.87 22.41 -23.34
N GLU B 102 8.65 21.66 -24.42
CA GLU B 102 9.45 20.43 -24.68
C GLU B 102 9.18 19.31 -23.71
N ILE B 103 8.40 18.36 -24.19
CA ILE B 103 8.08 17.17 -23.50
C ILE B 103 8.04 16.04 -24.48
N GLY B 104 8.01 16.37 -25.75
CA GLY B 104 7.98 15.38 -26.80
C GLY B 104 9.14 14.42 -26.64
N ASP B 105 10.33 14.94 -26.42
CA ASP B 105 11.47 14.07 -26.41
C ASP B 105 11.28 13.00 -25.31
N VAL B 106 10.64 13.38 -24.21
CA VAL B 106 10.53 12.53 -23.07
C VAL B 106 9.49 11.49 -23.36
N LEU B 107 8.42 11.89 -24.02
CA LEU B 107 7.41 10.95 -24.44
C LEU B 107 7.98 9.97 -25.45
N LEU B 108 8.76 10.45 -26.41
CA LEU B 108 9.38 9.53 -27.38
C LEU B 108 10.42 8.58 -26.72
N ALA B 109 10.90 8.95 -25.55
CA ALA B 109 11.95 8.20 -24.88
C ALA B 109 11.34 7.01 -24.09
N ARG B 110 10.05 7.10 -23.81
CA ARG B 110 9.30 6.04 -23.25
C ARG B 110 8.56 5.19 -24.29
N PHE B 111 8.04 5.78 -25.38
CA PHE B 111 7.07 5.09 -26.26
C PHE B 111 7.52 4.73 -27.68
N ASP B 112 8.69 5.26 -28.12
CA ASP B 112 9.21 4.98 -29.46
C ASP B 112 10.54 4.26 -29.37
N GLY B 113 11.02 3.75 -30.49
CA GLY B 113 12.30 3.07 -30.47
C GLY B 113 12.32 1.82 -29.60
N ALA B 114 13.52 1.50 -29.16
CA ALA B 114 13.74 0.28 -28.32
C ALA B 114 13.03 0.34 -26.96
N GLU B 115 13.07 1.47 -26.31
CA GLU B 115 12.22 1.64 -25.14
C GLU B 115 10.69 1.47 -25.35
N GLY B 116 10.17 2.01 -26.45
CA GLY B 116 8.78 1.86 -26.82
C GLY B 116 8.49 0.39 -26.98
N SER B 117 9.33 -0.33 -27.72
CA SER B 117 9.12 -1.77 -27.90
C SER B 117 9.13 -2.50 -26.59
N TRP B 118 9.94 -2.04 -25.66
CA TRP B 118 10.07 -2.77 -24.41
C TRP B 118 8.89 -2.53 -23.50
N PHE B 119 8.43 -1.30 -23.47
CA PHE B 119 7.23 -0.96 -22.76
C PHE B 119 6.04 -1.79 -23.27
N GLN B 120 5.92 -1.85 -24.59
CA GLN B 120 4.88 -2.63 -25.22
C GLN B 120 4.98 -4.12 -24.87
N LYS B 121 6.16 -4.69 -24.91
CA LYS B 121 6.29 -6.06 -24.61
C LYS B 121 5.83 -6.35 -23.15
N ILE B 122 6.13 -5.45 -22.21
CA ILE B 122 5.96 -5.77 -20.82
C ILE B 122 4.51 -5.53 -20.42
N SER B 123 4.00 -4.38 -20.80
CA SER B 123 2.61 -4.11 -20.58
C SER B 123 1.71 -5.17 -21.24
N SER B 124 2.10 -5.66 -22.41
CA SER B 124 1.25 -6.56 -23.16
C SER B 124 1.26 -7.95 -22.48
N ARG B 125 2.42 -8.35 -21.93
CA ARG B 125 2.53 -9.56 -21.16
C ARG B 125 1.56 -9.51 -20.01
N PHE B 126 1.53 -8.41 -19.27
CA PHE B 126 0.62 -8.29 -18.17
C PHE B 126 -0.87 -8.25 -18.55
N CYS B 127 -1.24 -7.29 -19.40
CA CYS B 127 -2.65 -7.11 -19.77
C CYS B 127 -3.27 -8.38 -20.37
N SER B 128 -2.46 -9.12 -21.15
CA SER B 128 -2.97 -10.27 -21.86
C SER B 128 -3.57 -11.29 -20.88
N ARG B 129 -3.01 -11.33 -19.67
CA ARG B 129 -3.44 -12.30 -18.70
C ARG B 129 -4.60 -11.74 -17.80
N GLN B 130 -5.05 -10.50 -18.05
CA GLN B 130 -6.03 -9.91 -17.15
C GLN B 130 -7.23 -10.77 -16.80
N SER B 131 -7.87 -11.35 -17.78
CA SER B 131 -9.12 -11.96 -17.51
C SER B 131 -8.91 -13.37 -16.95
N PHE B 132 -7.76 -13.95 -17.27
CA PHE B 132 -7.34 -15.19 -16.64
C PHE B 132 -7.03 -14.90 -15.16
N ALA B 133 -6.36 -13.80 -14.90
CA ALA B 133 -5.98 -13.46 -13.52
C ALA B 133 -7.23 -13.30 -12.65
N LEU B 134 -8.19 -12.55 -13.17
CA LEU B 134 -9.44 -12.25 -12.47
C LEU B 134 -10.16 -13.53 -12.15
N GLU B 135 -10.23 -14.42 -13.14
CA GLU B 135 -10.89 -15.71 -13.02
C GLU B 135 -10.18 -16.62 -12.00
N GLN B 136 -8.87 -16.70 -12.03
CA GLN B 136 -8.15 -17.57 -11.08
C GLN B 136 -8.31 -17.10 -9.64
N LEU B 137 -8.25 -15.79 -9.43
CA LEU B 137 -8.38 -15.26 -8.09
C LEU B 137 -9.78 -15.43 -7.55
N LYS B 138 -10.78 -15.18 -8.40
CA LYS B 138 -12.14 -15.31 -8.00
C LYS B 138 -12.45 -16.79 -7.68
N ALA B 139 -12.03 -17.69 -8.54
CA ALA B 139 -12.18 -19.12 -8.27
C ALA B 139 -11.48 -19.49 -6.95
N LYS B 140 -10.32 -18.93 -6.66
CA LYS B 140 -9.64 -19.27 -5.41
C LYS B 140 -10.31 -18.68 -4.17
N GLN B 141 -10.84 -17.46 -4.25
CA GLN B 141 -11.61 -16.92 -3.13
C GLN B 141 -12.87 -17.71 -2.83
N ARG B 142 -13.43 -18.39 -3.82
CA ARG B 142 -14.73 -18.99 -3.68
C ARG B 142 -14.52 -20.32 -3.05
N LYS B 143 -13.35 -20.85 -3.30
CA LYS B 143 -13.07 -22.23 -3.01
C LYS B 143 -12.27 -22.34 -1.70
N ASP B 144 -11.36 -21.40 -1.44
CA ASP B 144 -10.46 -21.44 -0.30
C ASP B 144 -10.76 -20.31 0.70
N PRO B 145 -11.43 -20.64 1.83
CA PRO B 145 -11.73 -19.63 2.86
C PRO B 145 -10.51 -18.85 3.34
N ARG B 146 -9.33 -19.49 3.37
CA ARG B 146 -8.12 -18.83 3.87
C ARG B 146 -7.72 -17.67 2.95
N PHE B 147 -7.74 -17.95 1.66
CA PHE B 147 -7.37 -16.99 0.68
C PHE B 147 -8.46 -15.93 0.57
N CYS B 148 -9.71 -16.33 0.68
CA CYS B 148 -10.80 -15.39 0.74
C CYS B 148 -10.59 -14.40 1.90
N ALA B 149 -10.29 -14.92 3.10
CA ALA B 149 -9.98 -14.02 4.23
C ALA B 149 -8.74 -13.19 4.01
N PHE B 150 -7.80 -13.70 3.22
CA PHE B 150 -6.56 -13.04 3.06
C PHE B 150 -6.76 -11.77 2.16
N VAL B 151 -7.40 -11.96 1.01
CA VAL B 151 -7.80 -10.85 0.15
C VAL B 151 -8.67 -9.78 0.89
N GLN B 152 -9.71 -10.19 1.60
CA GLN B 152 -10.49 -9.24 2.35
C GLN B 152 -9.61 -8.39 3.25
N GLU B 153 -8.57 -9.00 3.81
CA GLU B 153 -7.77 -8.30 4.75
C GLU B 153 -6.87 -7.28 4.06
N ALA B 154 -6.39 -7.66 2.88
CA ALA B 154 -5.51 -6.76 2.16
C ALA B 154 -6.39 -5.61 1.63
N GLU B 155 -7.63 -5.91 1.23
CA GLU B 155 -8.48 -4.89 0.69
C GLU B 155 -8.93 -3.91 1.73
N SER B 156 -8.76 -4.24 3.00
CA SER B 156 -9.12 -3.31 4.09
C SER B 156 -8.02 -2.33 4.45
N ARG B 157 -6.85 -2.42 3.80
CA ARG B 157 -5.71 -1.60 4.15
C ARG B 157 -5.78 -0.24 3.47
N PRO B 158 -5.44 0.84 4.19
CA PRO B 158 -5.36 2.19 3.66
C PRO B 158 -4.71 2.32 2.28
N ARG B 159 -3.59 1.66 2.05
CA ARG B 159 -2.85 1.85 0.82
C ARG B 159 -3.66 1.42 -0.41
N CYS B 160 -4.73 0.61 -0.21
CA CYS B 160 -5.57 0.20 -1.35
C CYS B 160 -6.34 1.42 -1.91
N ARG B 161 -6.47 2.42 -1.06
CA ARG B 161 -7.33 3.57 -1.36
C ARG B 161 -8.68 3.17 -1.95
N ARG B 162 -9.38 2.30 -1.22
CA ARG B 162 -10.72 1.83 -1.58
C ARG B 162 -10.85 0.98 -2.85
N LEU B 163 -9.74 0.77 -3.57
CA LEU B 163 -9.77 -0.14 -4.72
C LEU B 163 -9.71 -1.60 -4.25
N GLN B 164 -10.48 -2.47 -4.86
CA GLN B 164 -10.33 -3.93 -4.60
C GLN B 164 -9.31 -4.55 -5.51
N LEU B 165 -8.84 -5.74 -5.16
CA LEU B 165 -7.95 -6.48 -6.03
C LEU B 165 -8.46 -6.51 -7.48
N LYS B 166 -9.78 -6.70 -7.67
CA LYS B 166 -10.33 -6.87 -8.97
C LYS B 166 -10.32 -5.55 -9.72
N ASP B 167 -10.30 -4.43 -9.00
CA ASP B 167 -10.20 -3.12 -9.65
C ASP B 167 -8.73 -2.74 -10.01
N MET B 168 -7.76 -3.27 -9.31
CA MET B 168 -6.37 -2.92 -9.58
C MET B 168 -5.84 -3.61 -10.83
N ILE B 169 -6.30 -4.82 -11.11
CA ILE B 169 -5.69 -5.53 -12.22
C ILE B 169 -5.99 -4.89 -13.57
N PRO B 170 -7.25 -4.59 -13.84
CA PRO B 170 -7.57 -3.92 -15.12
C PRO B 170 -6.93 -2.56 -15.30
N THR B 171 -6.20 -2.11 -14.30
CA THR B 171 -5.79 -0.73 -14.27
C THR B 171 -4.68 -0.42 -15.25
N GLU B 172 -3.89 -1.43 -15.65
CA GLU B 172 -2.86 -1.27 -16.66
C GLU B 172 -3.45 -1.04 -18.12
N MET B 173 -4.44 -1.85 -18.46
CA MET B 173 -5.17 -1.74 -19.68
C MET B 173 -5.87 -0.39 -19.67
N GLN B 174 -6.51 0.02 -18.58
CA GLN B 174 -7.11 1.39 -18.50
C GLN B 174 -6.08 2.50 -18.72
N ARG B 175 -4.84 2.34 -18.24
CA ARG B 175 -3.87 3.39 -18.47
C ARG B 175 -3.36 3.44 -19.96
N LEU B 176 -3.29 2.30 -20.61
CA LEU B 176 -2.86 2.32 -21.98
C LEU B 176 -3.92 3.04 -22.77
N THR B 177 -5.19 2.92 -22.36
CA THR B 177 -6.20 3.53 -23.14
C THR B 177 -6.21 5.01 -22.91
N LYS B 178 -5.64 5.45 -21.80
CA LYS B 178 -5.61 6.88 -21.49
C LYS B 178 -4.48 7.62 -22.20
N TYR B 179 -3.34 6.96 -22.45
CA TYR B 179 -2.19 7.64 -23.08
C TYR B 179 -2.53 8.41 -24.34
N PRO B 180 -3.23 7.79 -25.32
CA PRO B 180 -3.59 8.61 -26.47
C PRO B 180 -4.44 9.87 -26.12
N LEU B 181 -5.42 9.72 -25.23
CA LEU B 181 -6.24 10.87 -24.91
C LEU B 181 -5.34 12.00 -24.41
N LEU B 182 -4.43 11.67 -23.47
CA LEU B 182 -3.57 12.66 -22.87
C LEU B 182 -2.61 13.27 -23.85
N LEU B 183 -1.92 12.44 -24.63
CA LEU B 183 -0.92 12.91 -25.53
C LEU B 183 -1.53 13.75 -26.67
N GLN B 184 -2.65 13.31 -27.26
CA GLN B 184 -3.36 14.05 -28.29
C GLN B 184 -3.62 15.44 -27.83
N SER B 185 -4.11 15.53 -26.59
CA SER B 185 -4.54 16.81 -26.04
C SER B 185 -3.37 17.76 -25.88
N ILE B 186 -2.25 17.26 -25.43
CA ILE B 186 -1.06 18.06 -25.34
C ILE B 186 -0.68 18.50 -26.75
N GLY B 187 -0.58 17.52 -27.65
CA GLY B 187 -0.35 17.73 -29.06
C GLY B 187 -1.14 18.86 -29.71
N GLN B 188 -2.48 18.81 -29.66
CA GLN B 188 -3.27 19.83 -30.35
C GLN B 188 -3.21 21.18 -29.60
N ASN B 189 -2.51 21.20 -28.47
CA ASN B 189 -2.34 22.45 -27.73
C ASN B 189 -0.87 22.96 -27.71
N THR B 190 0.01 22.33 -28.49
CA THR B 190 1.41 22.76 -28.68
C THR B 190 1.58 23.71 -29.86
N GLU B 191 2.10 24.90 -29.57
CA GLU B 191 2.27 25.94 -30.58
C GLU B 191 3.49 25.77 -31.44
N GLU B 192 4.65 25.54 -30.85
CA GLU B 192 5.84 25.47 -31.69
C GLU B 192 5.87 24.11 -32.44
N PRO B 193 6.15 24.16 -33.76
CA PRO B 193 5.84 23.10 -34.72
C PRO B 193 6.65 21.82 -34.57
N THR B 194 7.96 21.91 -34.33
CA THR B 194 8.79 20.68 -34.19
C THR B 194 8.43 19.87 -32.90
N GLU B 195 8.15 20.59 -31.80
CA GLU B 195 7.58 19.99 -30.59
C GLU B 195 6.25 19.25 -30.84
N ARG B 196 5.28 19.92 -31.45
CA ARG B 196 4.00 19.32 -31.80
C ARG B 196 4.24 18.02 -32.57
N GLU B 197 5.18 18.03 -33.49
CA GLU B 197 5.45 16.83 -34.29
C GLU B 197 5.90 15.68 -33.40
N LYS B 198 6.82 15.97 -32.45
CA LYS B 198 7.26 14.95 -31.50
C LYS B 198 6.13 14.37 -30.72
N VAL B 199 5.27 15.22 -30.18
CA VAL B 199 4.18 14.78 -29.33
C VAL B 199 3.19 13.95 -30.17
N GLU B 200 2.91 14.40 -31.38
CA GLU B 200 1.91 13.70 -32.21
C GLU B 200 2.50 12.33 -32.57
N LEU B 201 3.83 12.29 -32.72
CA LEU B 201 4.44 11.04 -33.06
C LEU B 201 4.30 10.11 -31.85
N ALA B 202 4.41 10.67 -30.66
CA ALA B 202 4.32 9.87 -29.47
C ALA B 202 2.83 9.44 -29.25
N ALA B 203 1.87 10.29 -29.63
CA ALA B 203 0.48 9.89 -29.55
C ALA B 203 0.30 8.72 -30.46
N GLU B 204 0.93 8.79 -31.63
CA GLU B 204 0.76 7.75 -32.60
C GLU B 204 1.37 6.43 -32.03
N CYS B 205 2.60 6.52 -31.49
CA CYS B 205 3.19 5.35 -30.83
C CYS B 205 2.25 4.72 -29.80
N CYS B 206 1.56 5.56 -29.03
CA CYS B 206 0.67 5.08 -27.97
C CYS B 206 -0.55 4.42 -28.57
N ARG B 207 -0.96 4.88 -29.75
CA ARG B 207 -2.07 4.21 -30.40
C ARG B 207 -1.66 2.85 -30.91
N GLU B 208 -0.47 2.71 -31.50
CA GLU B 208 -0.01 1.39 -32.00
C GLU B 208 0.14 0.43 -30.81
N ILE B 209 0.71 0.91 -29.72
CA ILE B 209 0.87 0.14 -28.52
C ILE B 209 -0.48 -0.42 -28.05
N LEU B 210 -1.50 0.43 -27.91
CA LEU B 210 -2.79 0.03 -27.44
C LEU B 210 -3.41 -1.03 -28.38
N HIS B 211 -3.30 -0.79 -29.65
CA HIS B 211 -3.76 -1.71 -30.63
C HIS B 211 -3.00 -3.08 -30.56
N HIS B 212 -1.68 -3.05 -30.38
CA HIS B 212 -0.95 -4.29 -30.30
C HIS B 212 -1.37 -5.04 -28.99
N VAL B 213 -1.56 -4.30 -27.90
CA VAL B 213 -1.97 -4.90 -26.66
C VAL B 213 -3.38 -5.46 -26.77
N ASN B 214 -4.31 -4.68 -27.31
CA ASN B 214 -5.67 -5.17 -27.47
C ASN B 214 -5.71 -6.44 -28.29
N GLN B 215 -4.79 -6.55 -29.25
CA GLN B 215 -4.75 -7.74 -30.10
C GLN B 215 -4.13 -8.91 -29.34
N ALA B 216 -3.11 -8.63 -28.51
CA ALA B 216 -2.50 -9.68 -27.74
C ALA B 216 -3.46 -10.21 -26.64
N VAL B 217 -4.35 -9.36 -26.12
CA VAL B 217 -5.33 -9.73 -25.09
C VAL B 217 -6.28 -10.70 -25.72
N ARG B 218 -6.72 -10.40 -26.93
CA ARG B 218 -7.56 -11.28 -27.64
C ARG B 218 -6.87 -12.60 -27.99
N ASP B 219 -5.62 -12.54 -28.45
CA ASP B 219 -4.89 -13.77 -28.77
C ASP B 219 -4.79 -14.65 -27.52
N MET B 220 -4.51 -14.05 -26.38
CA MET B 220 -4.37 -14.86 -25.21
C MET B 220 -5.71 -15.43 -24.77
N GLU B 221 -6.75 -14.63 -24.80
CA GLU B 221 -8.05 -15.10 -24.39
C GLU B 221 -8.52 -16.28 -25.25
N ASP B 222 -8.40 -16.14 -26.57
CA ASP B 222 -8.68 -17.21 -27.51
C ASP B 222 -7.76 -18.41 -27.35
N LEU B 223 -6.47 -18.16 -27.21
CA LEU B 223 -5.54 -19.25 -27.09
C LEU B 223 -5.82 -20.15 -25.87
N LEU B 224 -6.08 -19.56 -24.72
CA LEU B 224 -6.34 -20.34 -23.52
C LEU B 224 -7.65 -21.13 -23.61
N ARG B 225 -8.62 -20.53 -24.28
CA ARG B 225 -9.92 -21.10 -24.38
C ARG B 225 -9.86 -22.30 -25.35
N LEU B 226 -9.23 -22.09 -26.52
CA LEU B 226 -9.03 -23.12 -27.52
C LEU B 226 -8.10 -24.23 -27.12
N LYS B 227 -7.12 -23.91 -26.28
CA LYS B 227 -6.15 -24.88 -25.76
C LYS B 227 -6.94 -25.85 -24.86
N ASP B 228 -7.87 -25.28 -24.11
CA ASP B 228 -8.67 -26.09 -23.22
C ASP B 228 -9.62 -26.99 -24.05
N TYR B 229 -10.23 -26.38 -25.08
CA TYR B 229 -11.03 -27.09 -26.05
C TYR B 229 -10.27 -28.21 -26.82
N GLN B 230 -9.06 -27.94 -27.32
CA GLN B 230 -8.19 -29.02 -27.83
C GLN B 230 -8.06 -30.17 -26.86
N ARG B 231 -7.82 -29.87 -25.58
CA ARG B 231 -7.52 -30.89 -24.60
C ARG B 231 -8.68 -31.88 -24.59
N ARG B 232 -9.91 -31.36 -24.68
CA ARG B 232 -11.12 -32.19 -24.53
C ARG B 232 -11.68 -32.80 -25.85
N LEU B 233 -11.26 -32.24 -26.97
CA LEU B 233 -11.65 -32.70 -28.30
C LEU B 233 -11.36 -34.21 -28.48
N ASP B 234 -12.42 -34.94 -28.76
CA ASP B 234 -12.35 -36.35 -29.10
C ASP B 234 -12.49 -36.50 -30.62
N LEU B 235 -11.46 -37.08 -31.25
CA LEU B 235 -11.35 -37.14 -32.70
C LEU B 235 -11.42 -38.57 -33.21
N SER B 236 -11.79 -39.51 -32.33
CA SER B 236 -11.77 -40.94 -32.61
C SER B 236 -12.72 -41.35 -33.75
N HIS B 237 -13.82 -40.60 -33.91
CA HIS B 237 -14.76 -40.79 -35.02
C HIS B 237 -14.23 -40.29 -36.35
N LEU B 238 -13.69 -39.08 -36.36
CA LEU B 238 -13.00 -38.57 -37.53
C LEU B 238 -11.89 -39.51 -38.01
N ARG B 239 -11.13 -40.04 -37.07
CA ARG B 239 -10.09 -41.00 -37.41
C ARG B 239 -10.62 -42.28 -38.04
N GLN B 240 -11.72 -42.82 -37.52
CA GLN B 240 -12.26 -44.07 -38.06
C GLN B 240 -13.42 -43.92 -39.07
N SER B 241 -13.63 -42.71 -39.59
CA SER B 241 -14.44 -42.63 -40.79
C SER B 241 -13.49 -42.65 -41.97
N SER B 242 -13.87 -43.32 -43.05
CA SER B 242 -13.10 -43.23 -44.27
C SER B 242 -13.79 -42.28 -45.25
N ASP B 243 -14.67 -41.43 -44.71
CA ASP B 243 -15.26 -40.30 -45.43
C ASP B 243 -14.19 -39.33 -45.91
N PRO B 244 -13.96 -39.28 -47.23
CA PRO B 244 -12.94 -38.43 -47.85
C PRO B 244 -12.86 -37.01 -47.28
N MET B 245 -14.01 -36.38 -47.14
CA MET B 245 -14.09 -34.99 -46.76
C MET B 245 -13.54 -34.75 -45.34
N LEU B 246 -13.51 -35.81 -44.54
CA LEU B 246 -13.09 -35.66 -43.15
C LEU B 246 -11.63 -36.08 -42.96
N SER B 247 -11.01 -36.60 -44.03
CA SER B 247 -9.66 -37.14 -43.88
C SER B 247 -8.63 -36.06 -43.55
N GLU B 248 -8.98 -34.81 -43.80
CA GLU B 248 -8.01 -33.76 -43.57
C GLU B 248 -7.98 -33.22 -42.13
N PHE B 249 -9.08 -33.44 -41.40
CA PHE B 249 -9.18 -32.97 -40.03
C PHE B 249 -8.85 -34.06 -39.04
N LYS B 250 -7.79 -34.82 -39.36
CA LYS B 250 -7.48 -36.06 -38.64
C LYS B 250 -7.08 -36.07 -37.13
N ASN B 251 -6.02 -35.44 -36.61
CA ASN B 251 -5.10 -34.41 -37.13
C ASN B 251 -5.48 -32.93 -36.92
N LEU B 252 -6.75 -32.65 -36.70
CA LEU B 252 -7.19 -31.27 -36.43
C LEU B 252 -6.54 -30.65 -35.18
N ASP B 253 -6.15 -29.39 -35.32
CA ASP B 253 -5.64 -28.58 -34.21
C ASP B 253 -6.21 -27.17 -34.29
N ILE B 254 -7.01 -26.80 -33.30
CA ILE B 254 -7.73 -25.53 -33.37
C ILE B 254 -7.01 -24.50 -32.52
N THR B 255 -5.94 -24.95 -31.90
CA THR B 255 -5.15 -24.15 -30.94
C THR B 255 -4.74 -22.76 -31.46
N LYS B 256 -4.35 -22.66 -32.73
CA LYS B 256 -3.80 -21.39 -33.21
C LYS B 256 -4.85 -20.54 -33.96
N LYS B 257 -6.05 -21.09 -34.05
CA LYS B 257 -7.08 -20.47 -34.81
C LYS B 257 -7.69 -19.24 -34.08
N LYS B 258 -8.50 -18.44 -34.77
CA LYS B 258 -9.14 -17.30 -34.17
C LYS B 258 -10.58 -17.65 -33.78
N LEU B 259 -10.94 -17.46 -32.54
CA LEU B 259 -12.26 -17.82 -32.13
C LEU B 259 -13.17 -16.64 -32.38
N VAL B 260 -14.10 -16.75 -33.33
CA VAL B 260 -14.93 -15.60 -33.63
C VAL B 260 -16.16 -15.56 -32.70
N HIS B 261 -16.73 -16.74 -32.47
CA HIS B 261 -17.91 -16.79 -31.66
C HIS B 261 -18.16 -18.26 -31.23
N GLU B 262 -18.85 -18.45 -30.11
CA GLU B 262 -19.18 -19.80 -29.68
C GLU B 262 -20.51 -19.84 -28.94
N GLY B 263 -21.20 -20.98 -29.00
CA GLY B 263 -22.37 -21.05 -28.16
C GLY B 263 -23.16 -22.31 -28.38
N PRO B 264 -24.09 -22.59 -27.46
CA PRO B 264 -24.92 -23.79 -27.61
C PRO B 264 -25.99 -23.51 -28.60
N LEU B 265 -26.24 -24.47 -29.48
CA LEU B 265 -27.39 -24.48 -30.36
C LEU B 265 -27.92 -25.88 -30.44
N THR B 266 -29.21 -25.95 -30.70
CA THR B 266 -29.77 -27.21 -31.00
C THR B 266 -29.75 -27.44 -32.52
N TRP B 267 -29.26 -28.61 -32.90
CA TRP B 267 -29.03 -28.97 -34.26
C TRP B 267 -30.09 -29.95 -34.69
N ARG B 268 -30.93 -29.50 -35.62
CA ARG B 268 -32.05 -30.31 -36.08
C ARG B 268 -31.61 -31.14 -37.25
N VAL B 269 -30.96 -32.25 -36.96
CA VAL B 269 -30.44 -33.10 -38.04
C VAL B 269 -31.55 -33.64 -38.89
N THR B 270 -32.64 -34.08 -38.29
CA THR B 270 -33.91 -34.12 -39.03
C THR B 270 -35.03 -33.40 -38.26
N LYS B 271 -36.23 -33.40 -38.85
CA LYS B 271 -37.42 -32.88 -38.20
C LYS B 271 -37.75 -33.80 -37.03
N ASP B 272 -37.17 -34.99 -37.03
CA ASP B 272 -37.45 -36.02 -36.00
C ASP B 272 -36.28 -36.31 -35.03
N LYS B 273 -35.16 -35.64 -35.26
CA LYS B 273 -33.89 -35.91 -34.57
C LYS B 273 -33.23 -34.58 -34.21
N ALA B 274 -33.26 -34.21 -32.93
CA ALA B 274 -32.52 -33.01 -32.44
C ALA B 274 -31.26 -33.41 -31.68
N VAL B 275 -30.19 -32.68 -31.91
CA VAL B 275 -28.94 -32.92 -31.21
C VAL B 275 -28.48 -31.62 -30.53
N GLU B 276 -28.26 -31.65 -29.20
CA GLU B 276 -27.58 -30.54 -28.53
C GLU B 276 -26.15 -30.50 -28.98
N VAL B 277 -25.69 -29.30 -29.34
CA VAL B 277 -24.36 -29.08 -29.86
C VAL B 277 -23.77 -27.78 -29.31
N HIS B 278 -22.47 -27.79 -29.07
CA HIS B 278 -21.76 -26.54 -28.74
C HIS B 278 -20.96 -26.12 -29.97
N VAL B 279 -21.24 -24.94 -30.51
CA VAL B 279 -20.65 -24.63 -31.82
C VAL B 279 -19.62 -23.56 -31.71
N LEU B 280 -18.56 -23.76 -32.49
CA LEU B 280 -17.38 -22.89 -32.56
C LEU B 280 -17.25 -22.29 -33.92
N LEU B 281 -17.37 -20.99 -34.00
CA LEU B 281 -17.08 -20.33 -35.27
C LEU B 281 -15.67 -19.82 -35.21
N LEU B 282 -14.80 -20.50 -35.93
CA LEU B 282 -13.40 -20.12 -36.04
C LEU B 282 -13.22 -19.17 -37.27
N ASP B 283 -12.01 -18.70 -37.57
CA ASP B 283 -11.81 -17.76 -38.70
C ASP B 283 -12.16 -18.41 -40.03
N ASP B 284 -12.10 -19.75 -40.11
CA ASP B 284 -12.36 -20.45 -41.38
C ASP B 284 -13.02 -21.83 -41.25
N LEU B 285 -13.45 -22.17 -40.05
CA LEU B 285 -14.13 -23.47 -39.82
C LEU B 285 -15.34 -23.29 -38.94
N LEU B 286 -16.32 -24.17 -39.11
CA LEU B 286 -17.45 -24.24 -38.23
C LEU B 286 -17.40 -25.61 -37.67
N LEU B 287 -17.35 -25.68 -36.32
CA LEU B 287 -17.27 -26.96 -35.61
C LEU B 287 -18.54 -27.18 -34.86
N LEU B 288 -19.17 -28.31 -35.10
CA LEU B 288 -20.36 -28.68 -34.35
C LEU B 288 -20.01 -29.74 -33.32
N LEU B 289 -19.74 -29.30 -32.10
CA LEU B 289 -19.24 -30.18 -31.04
C LEU B 289 -20.35 -30.69 -30.12
N GLN B 290 -20.21 -31.94 -29.70
CA GLN B 290 -21.14 -32.50 -28.73
C GLN B 290 -20.52 -32.63 -27.37
N ARG B 291 -21.30 -32.27 -26.35
CA ARG B 291 -20.84 -32.38 -24.97
C ARG B 291 -21.09 -33.82 -24.47
N GLN B 292 -20.02 -34.53 -24.15
CA GLN B 292 -20.15 -35.82 -23.47
C GLN B 292 -19.34 -35.74 -22.22
N ASP B 293 -20.01 -35.35 -21.15
CA ASP B 293 -19.34 -34.94 -19.94
C ASP B 293 -18.31 -33.91 -20.37
N GLU B 294 -17.04 -34.12 -19.97
CA GLU B 294 -16.00 -33.12 -20.17
C GLU B 294 -15.52 -33.11 -21.59
N ARG B 295 -15.92 -34.11 -22.35
CA ARG B 295 -15.35 -34.21 -23.68
C ARG B 295 -16.19 -33.51 -24.76
N LEU B 296 -15.50 -33.10 -25.79
CA LEU B 296 -16.17 -32.49 -26.93
C LEU B 296 -16.00 -33.39 -28.16
N LEU B 297 -17.09 -33.94 -28.67
CA LEU B 297 -16.97 -34.90 -29.75
C LEU B 297 -17.29 -34.34 -31.11
N LEU B 298 -16.59 -34.80 -32.13
CA LEU B 298 -16.98 -34.50 -33.51
C LEU B 298 -17.50 -35.75 -34.21
N LYS B 299 -18.81 -35.82 -34.30
CA LYS B 299 -19.52 -37.00 -34.75
C LYS B 299 -20.36 -36.68 -36.00
N SER B 300 -20.22 -37.49 -37.04
CA SER B 300 -21.11 -37.38 -38.21
C SER B 300 -22.52 -37.90 -37.84
N HIS B 301 -23.56 -37.41 -38.52
CA HIS B 301 -24.91 -38.01 -38.47
C HIS B 301 -25.36 -38.26 -39.93
N SER B 302 -26.34 -39.12 -40.27
CA SER B 302 -27.34 -39.81 -39.42
C SER B 302 -27.52 -41.26 -39.92
N THR B 313 -24.03 -40.94 -41.10
CA THR B 313 -22.85 -40.30 -41.62
C THR B 313 -22.98 -39.83 -43.06
N MET B 314 -23.59 -38.65 -43.23
CA MET B 314 -23.45 -37.88 -44.43
C MET B 314 -23.37 -36.40 -44.03
N LEU B 315 -23.94 -36.02 -42.87
CA LEU B 315 -23.76 -34.63 -42.29
C LEU B 315 -22.52 -34.58 -41.43
N ARG B 316 -21.64 -33.62 -41.72
CA ARG B 316 -20.32 -33.58 -41.11
C ARG B 316 -20.39 -32.59 -40.01
N PRO B 317 -19.57 -32.79 -38.95
CA PRO B 317 -19.50 -31.88 -37.81
C PRO B 317 -18.43 -30.79 -37.95
N VAL B 318 -17.52 -30.90 -38.91
CA VAL B 318 -16.53 -29.83 -39.14
C VAL B 318 -16.68 -29.30 -40.56
N LEU B 319 -16.77 -27.98 -40.73
CA LEU B 319 -17.11 -27.48 -42.06
C LEU B 319 -16.21 -26.32 -42.46
N ARG B 320 -15.68 -26.35 -43.68
CA ARG B 320 -14.90 -25.22 -44.17
C ARG B 320 -15.83 -24.04 -44.46
N LEU B 321 -15.48 -22.84 -44.00
CA LEU B 321 -16.42 -21.71 -44.03
C LEU B 321 -16.47 -20.99 -45.37
N THR B 322 -15.54 -21.30 -46.28
CA THR B 322 -15.35 -20.48 -47.45
C THR B 322 -16.68 -20.13 -48.17
N SER B 323 -17.48 -21.15 -48.48
CA SER B 323 -18.74 -20.89 -49.19
C SER B 323 -20.01 -21.04 -48.30
N ALA B 324 -19.92 -20.71 -47.02
CA ALA B 324 -21.11 -20.75 -46.16
C ALA B 324 -22.12 -19.64 -46.47
N MET B 325 -23.40 -20.00 -46.43
CA MET B 325 -24.47 -19.04 -46.47
C MET B 325 -25.46 -19.42 -45.40
N THR B 326 -26.06 -18.41 -44.73
CA THR B 326 -27.13 -18.69 -43.79
C THR B 326 -28.51 -18.25 -44.35
N ARG B 327 -29.59 -18.92 -43.95
CA ARG B 327 -30.91 -18.44 -44.31
C ARG B 327 -31.90 -18.57 -43.14
N GLU B 328 -32.85 -17.65 -43.05
CA GLU B 328 -33.95 -17.71 -42.09
C GLU B 328 -34.83 -18.86 -42.45
N VAL B 329 -35.51 -19.39 -41.45
CA VAL B 329 -36.49 -20.45 -41.59
C VAL B 329 -37.84 -19.83 -41.23
N ALA B 330 -38.72 -19.68 -42.20
CA ALA B 330 -39.96 -18.96 -41.94
C ALA B 330 -40.77 -19.54 -40.76
N THR B 331 -40.79 -20.86 -40.65
CA THR B 331 -41.70 -21.51 -39.71
C THR B 331 -41.15 -21.48 -38.28
N ASP B 332 -40.01 -20.84 -38.10
CA ASP B 332 -39.31 -20.84 -36.83
C ASP B 332 -38.24 -19.74 -36.78
N HIS B 333 -38.62 -18.59 -36.24
CA HIS B 333 -37.75 -17.43 -36.15
C HIS B 333 -36.50 -17.67 -35.30
N LYS B 334 -36.47 -18.74 -34.52
CA LYS B 334 -35.30 -19.02 -33.70
C LYS B 334 -34.33 -19.91 -34.48
N ALA B 335 -34.77 -20.45 -35.62
CA ALA B 335 -33.91 -21.35 -36.42
C ALA B 335 -33.21 -20.65 -37.58
N PHE B 336 -32.12 -21.26 -38.05
CA PHE B 336 -31.51 -20.92 -39.33
C PHE B 336 -30.86 -22.12 -40.01
N TYR B 337 -30.67 -22.02 -41.31
CA TYR B 337 -29.95 -23.00 -42.10
C TYR B 337 -28.60 -22.46 -42.47
N VAL B 338 -27.62 -23.36 -42.60
CA VAL B 338 -26.29 -23.05 -43.12
C VAL B 338 -26.11 -24.04 -44.22
N LEU B 339 -25.65 -23.56 -45.36
CA LEU B 339 -25.50 -24.38 -46.56
C LEU B 339 -24.19 -23.98 -47.08
N PHE B 340 -23.50 -24.92 -47.64
CA PHE B 340 -22.20 -24.66 -48.17
C PHE B 340 -22.16 -24.87 -49.64
N THR B 341 -21.86 -23.81 -50.35
CA THR B 341 -21.80 -23.80 -51.81
C THR B 341 -20.79 -24.78 -52.43
N TRP B 342 -19.77 -25.14 -51.66
CA TRP B 342 -18.74 -26.08 -52.16
C TRP B 342 -19.23 -27.53 -51.96
N ASP B 343 -20.33 -27.71 -51.22
CA ASP B 343 -20.78 -29.00 -50.66
C ASP B 343 -21.02 -30.14 -51.63
N GLN B 344 -21.77 -29.88 -52.69
CA GLN B 344 -21.89 -30.79 -53.85
C GLN B 344 -22.89 -31.93 -53.70
N GLU B 345 -23.21 -32.26 -52.46
CA GLU B 345 -24.41 -32.98 -52.02
C GLU B 345 -25.41 -32.09 -51.31
N ALA B 346 -24.91 -30.95 -50.87
CA ALA B 346 -25.71 -29.82 -50.44
C ALA B 346 -27.06 -30.07 -49.75
N GLN B 347 -27.22 -30.40 -48.48
CA GLN B 347 -26.34 -30.47 -47.33
C GLN B 347 -26.53 -29.32 -46.35
N ILE B 348 -27.74 -29.39 -45.78
CA ILE B 348 -28.32 -28.35 -44.99
C ILE B 348 -28.19 -28.59 -43.49
N TYR B 349 -27.61 -27.64 -42.75
CA TYR B 349 -27.58 -27.64 -41.29
C TYR B 349 -28.66 -26.70 -40.70
N GLU B 350 -29.73 -27.28 -40.12
CA GLU B 350 -30.72 -26.52 -39.40
C GLU B 350 -30.28 -26.42 -37.94
N LEU B 351 -29.90 -25.19 -37.52
CA LEU B 351 -29.53 -24.90 -36.15
C LEU B 351 -30.51 -23.91 -35.55
N VAL B 352 -30.83 -24.09 -34.28
CA VAL B 352 -31.82 -23.26 -33.63
C VAL B 352 -31.26 -22.73 -32.31
N ALA B 353 -31.39 -21.44 -32.11
CA ALA B 353 -30.92 -20.76 -30.92
C ALA B 353 -32.04 -20.57 -29.92
N GLN B 354 -31.70 -19.96 -28.79
CA GLN B 354 -32.67 -19.87 -27.69
C GLN B 354 -33.61 -18.65 -27.83
N THR B 355 -33.16 -17.65 -28.62
CA THR B 355 -33.93 -16.44 -28.89
C THR B 355 -33.68 -16.00 -30.32
N VAL B 356 -34.59 -15.17 -30.83
CA VAL B 356 -34.47 -14.54 -32.13
C VAL B 356 -33.16 -13.74 -32.26
N SER B 357 -32.87 -12.88 -31.29
CA SER B 357 -31.61 -12.10 -31.29
C SER B 357 -30.38 -12.94 -31.52
N GLU B 358 -30.34 -14.07 -30.84
CA GLU B 358 -29.17 -14.91 -30.91
C GLU B 358 -29.10 -15.64 -32.22
N ARG B 359 -30.24 -15.96 -32.79
CA ARG B 359 -30.19 -16.47 -34.16
C ARG B 359 -29.66 -15.38 -35.11
N LYS B 360 -30.13 -14.16 -34.94
CA LYS B 360 -29.81 -13.11 -35.89
C LYS B 360 -28.29 -12.90 -35.85
N ASN B 361 -27.81 -12.81 -34.63
CA ASN B 361 -26.41 -12.70 -34.36
C ASN B 361 -25.59 -13.86 -34.97
N TRP B 362 -26.01 -15.11 -34.75
CA TRP B 362 -25.31 -16.21 -35.41
C TRP B 362 -25.24 -16.02 -36.95
N CYS B 363 -26.38 -15.74 -37.59
CA CYS B 363 -26.37 -15.53 -39.06
C CYS B 363 -25.42 -14.34 -39.45
N ALA B 364 -25.50 -13.22 -38.72
CA ALA B 364 -24.64 -12.11 -39.02
C ALA B 364 -23.16 -12.56 -38.96
N LEU B 365 -22.77 -13.15 -37.82
CA LEU B 365 -21.38 -13.52 -37.63
C LEU B 365 -20.86 -14.54 -38.63
N ILE B 366 -21.64 -15.57 -38.91
CA ILE B 366 -21.26 -16.53 -39.92
C ILE B 366 -21.06 -15.87 -41.30
N THR B 367 -22.02 -15.03 -41.69
CA THR B 367 -21.95 -14.39 -42.99
C THR B 367 -20.69 -13.50 -43.09
N GLU B 368 -20.39 -12.75 -42.04
CA GLU B 368 -19.31 -11.79 -42.11
C GLU B 368 -18.02 -12.55 -42.18
N THR B 369 -17.94 -13.63 -41.41
CA THR B 369 -16.71 -14.40 -41.38
C THR B 369 -16.43 -15.08 -42.72
N ALA B 370 -17.43 -15.74 -43.27
CA ALA B 370 -17.31 -16.36 -44.57
C ALA B 370 -17.01 -15.32 -45.66
N GLY B 371 -17.51 -14.10 -45.43
CA GLY B 371 -17.42 -13.03 -46.42
C GLY B 371 -16.02 -12.51 -46.56
N SER B 372 -15.23 -12.71 -45.50
CA SER B 372 -13.86 -12.26 -45.40
C SER B 372 -12.96 -13.18 -46.18
N LEU B 373 -13.40 -14.42 -46.37
CA LEU B 373 -12.55 -15.46 -46.97
C LEU B 373 -12.35 -15.33 -48.49
N LYS B 374 -11.09 -15.33 -48.94
CA LYS B 374 -10.74 -15.30 -50.39
C LYS B 374 -10.97 -16.67 -51.06
N VAL B 375 -11.35 -16.65 -52.32
CA VAL B 375 -11.57 -17.86 -53.08
C VAL B 375 -10.39 -18.11 -54.04
N PRO B 376 -9.94 -19.36 -54.16
CA PRO B 376 -9.02 -19.70 -55.29
C PRO B 376 -9.71 -19.52 -56.66
#